data_3BZK
#
_entry.id   3BZK
#
_cell.length_a   56.214
_cell.length_b   106.688
_cell.length_c   139.703
_cell.angle_alpha   90.000
_cell.angle_beta   90.000
_cell.angle_gamma   90.000
#
_symmetry.space_group_name_H-M   'P 21 21 21'
#
loop_
_entity.id
_entity.type
_entity.pdbx_description
1 polymer Tex
2 water water
#
_entity_poly.entity_id   1
_entity_poly.type   'polypeptide(L)'
_entity_poly.pdbx_seq_one_letter_code
;MDSINTRIAEELSALPSGRVQPQQVAAAVALLDEGSTVPFIARYRKEVTGSLDDTQLRMLEERLRYLRELEERRGAILAS
IEEQGKLTPELARDIKLADTKTRLEDLYLPYKQKRRTKGQIALEAGLGALADALFDDPTLVPESEAARFVDAEKGFADVK
AVLEGAKYILMERFAEDATLLDKLRVFMKNEATLTARVVPGKEQEGAKFSDYFEHDEPLKSAPSHRALAIFRGRNEGVLS
ASLKVGEEAPGTLHPCEVMIAERFGLSNQGRAADKWLAEVVRWTWKVKLYTHLETDLFGELRDGAEDEAISVFARNLHDL
LLAAPAGPRATLGLDPGLRTGVKVAVVDATGKLLDTATVYPHAPKNQWDQTLAVLAALCAKHQVELIAIGNGTASRETDK
LAGELIKKYPGMKLTKIMVSEAGASVYSASELAAKEFPELDVSLRGAVSIARRLQDPLAELVKIEPKSIGVGQYQHDVSQ
LKLARSLDAVVEDCVNAVGVDVNTASAALLARISGLNSTLAQNIVAHRDANGAFRTRDELKKVSRLGEKTFEQAAGFLRV
MNGDNPLDASAVHPETYPLVQRIAADTERDIRSLIGDSAFLKRLDPKKFTDETFGLPTVTDILKELDKPGRDPRPEFKTA
EFQEGVESLKDLKPGMVLEGVVTNVTNFGAFVDIGVHQDGLVHISALSEKFVKDPYEVVKAGDIVKVKVMEVDIPRNRVG
LSMRMSDTPGEKVEGQRGGRPTGSGQPRQERGAPRGQSAPPANNAMAALFANAKQLKKKHHHHHH
;
_entity_poly.pdbx_strand_id   A
#
# COMPACT_ATOMS: atom_id res chain seq x y z
N MET A 1 -25.32 2.32 -9.15
CA MET A 1 -26.15 1.98 -8.00
C MET A 1 -26.04 3.04 -6.90
N ASP A 2 -27.18 3.55 -6.45
CA ASP A 2 -27.24 4.63 -5.47
C ASP A 2 -26.65 4.22 -4.12
N SER A 3 -27.03 3.04 -3.66
CA SER A 3 -26.59 2.53 -2.37
C SER A 3 -25.06 2.52 -2.30
N ILE A 4 -24.43 2.15 -3.42
CA ILE A 4 -22.97 2.13 -3.48
C ILE A 4 -22.41 3.56 -3.43
N ASN A 5 -22.91 4.43 -4.30
CA ASN A 5 -22.45 5.84 -4.31
C ASN A 5 -22.53 6.48 -2.93
N THR A 6 -23.67 6.29 -2.26
CA THR A 6 -23.90 6.81 -0.92
C THR A 6 -22.92 6.25 0.10
N ARG A 7 -22.77 4.93 0.09
CA ARG A 7 -21.84 4.26 1.00
C ARG A 7 -20.40 4.79 0.82
N ILE A 8 -19.93 4.82 -0.42
CA ILE A 8 -18.57 5.31 -0.70
C ILE A 8 -18.44 6.80 -0.32
N ALA A 9 -19.45 7.60 -0.68
CA ALA A 9 -19.44 9.00 -0.29
C ALA A 9 -19.19 9.15 1.22
N GLU A 10 -19.90 8.37 2.03
CA GLU A 10 -19.77 8.48 3.48
C GLU A 10 -18.42 7.96 3.99
N GLU A 11 -17.94 6.87 3.41
CA GLU A 11 -16.59 6.41 3.77
C GLU A 11 -15.57 7.50 3.45
N LEU A 12 -15.72 8.14 2.29
CA LEU A 12 -14.82 9.23 1.89
C LEU A 12 -14.96 10.47 2.79
N SER A 13 -16.18 10.73 3.25
CA SER A 13 -16.44 11.85 4.14
C SER A 13 -15.74 11.67 5.48
N ALA A 14 -15.47 10.43 5.85
CA ALA A 14 -14.82 10.09 7.12
C ALA A 14 -13.31 10.29 7.09
N LEU A 15 -12.79 10.80 5.97
CA LEU A 15 -11.37 11.14 5.87
C LEU A 15 -11.19 12.59 6.27
N PRO A 16 -9.97 12.95 6.71
CA PRO A 16 -9.64 14.35 7.01
C PRO A 16 -9.85 15.28 5.81
N SER A 17 -9.89 14.72 4.61
CA SER A 17 -10.12 15.51 3.41
C SER A 17 -11.54 16.04 3.30
N GLY A 18 -12.45 15.54 4.13
CA GLY A 18 -13.75 16.15 4.28
C GLY A 18 -14.94 15.54 3.53
N ARG A 19 -16.04 16.28 3.51
CA ARG A 19 -17.30 15.80 2.95
C ARG A 19 -17.22 15.53 1.44
N VAL A 20 -17.73 14.37 1.03
CA VAL A 20 -17.92 14.08 -0.38
C VAL A 20 -19.36 13.63 -0.61
N GLN A 21 -20.01 14.22 -1.61
CA GLN A 21 -21.40 13.88 -1.90
C GLN A 21 -21.47 12.69 -2.84
N PRO A 22 -22.59 11.95 -2.79
CA PRO A 22 -22.87 10.81 -3.69
C PRO A 22 -22.73 11.19 -5.15
N GLN A 23 -23.10 12.42 -5.47
CA GLN A 23 -23.03 12.87 -6.86
C GLN A 23 -21.58 12.92 -7.35
N GLN A 24 -20.67 13.29 -6.45
CA GLN A 24 -19.25 13.29 -6.77
C GLN A 24 -18.78 11.87 -7.04
N VAL A 25 -19.11 10.95 -6.14
CA VAL A 25 -18.75 9.55 -6.29
C VAL A 25 -19.28 9.00 -7.61
N ALA A 26 -20.55 9.32 -7.90
CA ALA A 26 -21.21 8.79 -9.10
C ALA A 26 -20.46 9.18 -10.37
N ALA A 27 -20.04 10.43 -10.43
CA ALA A 27 -19.31 10.96 -11.58
C ALA A 27 -17.96 10.27 -11.74
N ALA A 28 -17.22 10.16 -10.64
CA ALA A 28 -15.92 9.49 -10.66
C ALA A 28 -16.02 8.02 -11.10
N VAL A 29 -16.98 7.31 -10.55
CA VAL A 29 -17.24 5.93 -10.95
C VAL A 29 -17.45 5.79 -12.46
N ALA A 30 -18.32 6.63 -13.02
CA ALA A 30 -18.55 6.62 -14.46
C ALA A 30 -17.26 6.91 -15.22
N LEU A 31 -16.49 7.88 -14.74
CA LEU A 31 -15.22 8.20 -15.37
C LEU A 31 -14.29 6.99 -15.32
N LEU A 32 -14.18 6.37 -14.15
CA LEU A 32 -13.32 5.20 -13.99
C LEU A 32 -13.76 4.04 -14.90
N ASP A 33 -15.06 3.79 -14.93
CA ASP A 33 -15.60 2.66 -15.68
C ASP A 33 -15.30 2.79 -17.17
N GLU A 34 -15.42 4.01 -17.68
CA GLU A 34 -15.19 4.27 -19.09
C GLU A 34 -13.71 4.17 -19.46
N GLY A 35 -12.84 4.09 -18.46
CA GLY A 35 -11.44 3.83 -18.71
C GLY A 35 -10.51 4.96 -18.36
N SER A 36 -11.02 6.01 -17.73
CA SER A 36 -10.16 7.11 -17.30
C SER A 36 -9.32 6.72 -16.10
N THR A 37 -8.03 7.05 -16.14
CA THR A 37 -7.15 6.72 -15.01
C THR A 37 -7.34 7.67 -13.85
N VAL A 38 -6.89 7.27 -12.67
CA VAL A 38 -6.94 8.13 -11.49
C VAL A 38 -6.18 9.44 -11.71
N PRO A 39 -4.90 9.36 -12.13
CA PRO A 39 -4.18 10.62 -12.38
C PRO A 39 -4.91 11.54 -13.36
N PHE A 40 -5.45 10.99 -14.45
CA PHE A 40 -6.20 11.79 -15.41
C PHE A 40 -7.39 12.49 -14.75
N ILE A 41 -8.14 11.72 -13.97
CA ILE A 41 -9.32 12.24 -13.31
C ILE A 41 -8.97 13.28 -12.26
N ALA A 42 -7.95 12.99 -11.47
CA ALA A 42 -7.48 13.92 -10.45
C ALA A 42 -7.09 15.26 -11.05
N ARG A 43 -6.46 15.23 -12.23
CA ARG A 43 -5.91 16.44 -12.82
C ARG A 43 -6.79 17.17 -13.83
N TYR A 44 -7.54 16.43 -14.63
CA TYR A 44 -8.26 17.04 -15.74
C TYR A 44 -9.78 16.90 -15.66
N ARG A 45 -10.30 16.38 -14.56
CA ARG A 45 -11.73 16.22 -14.42
C ARG A 45 -12.18 16.67 -13.03
N LYS A 46 -11.52 17.68 -12.49
CA LYS A 46 -11.85 18.20 -11.16
C LYS A 46 -13.28 18.70 -11.06
N GLU A 47 -13.77 19.30 -12.14
CA GLU A 47 -15.12 19.88 -12.14
C GLU A 47 -16.17 18.80 -11.99
N VAL A 48 -16.03 17.74 -12.77
CA VAL A 48 -16.98 16.64 -12.76
C VAL A 48 -17.07 15.96 -11.41
N THR A 49 -15.96 15.90 -10.67
CA THR A 49 -15.91 15.13 -9.43
C THR A 49 -15.92 15.98 -8.18
N GLY A 50 -15.88 17.30 -8.34
CA GLY A 50 -15.72 18.20 -7.21
C GLY A 50 -14.29 18.21 -6.71
N SER A 51 -13.34 17.98 -7.62
CA SER A 51 -11.93 18.03 -7.31
C SER A 51 -11.46 16.92 -6.36
N LEU A 52 -11.98 15.71 -6.55
CA LEU A 52 -11.42 14.56 -5.86
C LEU A 52 -9.94 14.43 -6.24
N ASP A 53 -9.08 14.20 -5.27
CA ASP A 53 -7.65 14.01 -5.54
C ASP A 53 -7.30 12.52 -5.65
N ASP A 54 -6.02 12.24 -5.90
CA ASP A 54 -5.48 10.88 -6.00
C ASP A 54 -5.88 9.97 -4.85
N THR A 55 -5.56 10.39 -3.64
CA THR A 55 -5.81 9.61 -2.44
C THR A 55 -7.30 9.27 -2.32
N GLN A 56 -8.14 10.28 -2.55
CA GLN A 56 -9.58 10.10 -2.54
C GLN A 56 -10.04 9.11 -3.60
N LEU A 57 -9.44 9.19 -4.78
CA LEU A 57 -9.86 8.38 -5.90
C LEU A 57 -9.41 6.94 -5.75
N ARG A 58 -8.19 6.74 -5.24
CA ARG A 58 -7.69 5.38 -5.03
C ARG A 58 -8.60 4.63 -4.09
N MET A 59 -8.96 5.28 -2.97
CA MET A 59 -9.87 4.67 -2.01
C MET A 59 -11.24 4.35 -2.62
N LEU A 60 -11.78 5.29 -3.38
CA LEU A 60 -13.06 5.09 -4.05
C LEU A 60 -12.95 3.84 -4.91
N GLU A 61 -11.85 3.76 -5.64
CA GLU A 61 -11.53 2.64 -6.50
C GLU A 61 -11.58 1.30 -5.75
N GLU A 62 -10.91 1.26 -4.59
CA GLU A 62 -10.90 0.05 -3.76
C GLU A 62 -12.27 -0.32 -3.19
N ARG A 63 -13.00 0.67 -2.69
CA ARG A 63 -14.30 0.43 -2.06
C ARG A 63 -15.34 0.06 -3.12
N LEU A 64 -15.15 0.59 -4.32
CA LEU A 64 -16.02 0.30 -5.44
C LEU A 64 -15.95 -1.18 -5.80
N ARG A 65 -14.73 -1.72 -5.78
CA ARG A 65 -14.50 -3.12 -6.09
C ARG A 65 -15.16 -4.02 -5.05
N TYR A 66 -14.84 -3.77 -3.78
CA TYR A 66 -15.43 -4.52 -2.67
C TYR A 66 -16.95 -4.49 -2.73
N LEU A 67 -17.53 -3.30 -2.82
CA LEU A 67 -18.98 -3.16 -2.75
C LEU A 67 -19.68 -3.81 -3.92
N ARG A 68 -19.06 -3.74 -5.11
CA ARG A 68 -19.59 -4.47 -6.25
C ARG A 68 -19.56 -5.98 -6.05
N GLU A 69 -18.48 -6.50 -5.48
CA GLU A 69 -18.38 -7.92 -5.19
C GLU A 69 -19.49 -8.30 -4.21
N LEU A 70 -19.67 -7.49 -3.17
CA LEU A 70 -20.73 -7.71 -2.19
C LEU A 70 -22.10 -7.79 -2.86
N GLU A 71 -22.40 -6.81 -3.70
CA GLU A 71 -23.70 -6.76 -4.36
C GLU A 71 -23.92 -7.95 -5.28
N GLU A 72 -22.92 -8.28 -6.10
CA GLU A 72 -23.03 -9.44 -6.98
C GLU A 72 -23.32 -10.71 -6.18
N ARG A 73 -22.57 -10.92 -5.11
CA ARG A 73 -22.75 -12.12 -4.29
C ARG A 73 -24.14 -12.14 -3.67
N ARG A 74 -24.55 -11.00 -3.11
CA ARG A 74 -25.88 -10.87 -2.50
C ARG A 74 -26.96 -11.38 -3.46
N GLY A 75 -26.84 -11.01 -4.73
CA GLY A 75 -27.77 -11.46 -5.74
C GLY A 75 -27.78 -12.97 -5.93
N ALA A 76 -26.59 -13.57 -5.95
CA ALA A 76 -26.47 -15.01 -6.19
C ALA A 76 -27.10 -15.76 -5.04
N ILE A 77 -26.87 -15.25 -3.84
CA ILE A 77 -27.41 -15.83 -2.62
C ILE A 77 -28.95 -15.82 -2.61
N LEU A 78 -29.54 -14.67 -2.93
CA LEU A 78 -30.98 -14.57 -3.04
C LEU A 78 -31.52 -15.55 -4.07
N ALA A 79 -30.85 -15.63 -5.22
CA ALA A 79 -31.29 -16.50 -6.29
C ALA A 79 -31.25 -17.98 -5.88
N SER A 80 -30.17 -18.35 -5.19
CA SER A 80 -29.99 -19.72 -4.73
C SER A 80 -31.03 -20.10 -3.70
N ILE A 81 -31.30 -19.19 -2.78
CA ILE A 81 -32.26 -19.45 -1.72
C ILE A 81 -33.68 -19.53 -2.28
N GLU A 82 -33.99 -18.63 -3.21
CA GLU A 82 -35.30 -18.64 -3.85
C GLU A 82 -35.49 -19.95 -4.57
N GLU A 83 -34.44 -20.42 -5.22
CA GLU A 83 -34.51 -21.67 -5.98
C GLU A 83 -34.78 -22.89 -5.11
N GLN A 84 -34.42 -22.80 -3.83
CA GLN A 84 -34.65 -23.89 -2.89
C GLN A 84 -35.98 -23.70 -2.17
N GLY A 85 -36.78 -22.73 -2.61
CA GLY A 85 -38.08 -22.48 -1.99
C GLY A 85 -38.01 -22.06 -0.53
N LYS A 86 -36.95 -21.33 -0.19
CA LYS A 86 -36.68 -20.97 1.20
C LYS A 86 -36.57 -19.46 1.43
N LEU A 87 -36.90 -18.67 0.40
CA LEU A 87 -36.74 -17.23 0.53
C LEU A 87 -37.98 -16.58 1.15
N THR A 88 -38.06 -16.66 2.47
CA THR A 88 -39.09 -15.94 3.20
C THR A 88 -38.79 -14.46 3.10
N PRO A 89 -39.82 -13.61 3.23
CA PRO A 89 -39.63 -12.17 3.25
C PRO A 89 -38.68 -11.75 4.39
N GLU A 90 -38.77 -12.42 5.53
CA GLU A 90 -37.93 -12.06 6.67
C GLU A 90 -36.46 -12.22 6.34
N LEU A 91 -36.13 -13.37 5.76
CA LEU A 91 -34.76 -13.67 5.39
C LEU A 91 -34.29 -12.75 4.27
N ALA A 92 -35.20 -12.45 3.33
CA ALA A 92 -34.89 -11.54 2.24
C ALA A 92 -34.48 -10.17 2.78
N ARG A 93 -35.17 -9.74 3.82
CA ARG A 93 -34.88 -8.44 4.42
C ARG A 93 -33.51 -8.48 5.08
N ASP A 94 -33.23 -9.55 5.80
CA ASP A 94 -31.93 -9.73 6.45
C ASP A 94 -30.81 -9.65 5.45
N ILE A 95 -31.02 -10.26 4.28
CA ILE A 95 -30.00 -10.30 3.25
C ILE A 95 -29.84 -8.91 2.66
N LYS A 96 -30.94 -8.18 2.54
CA LYS A 96 -30.90 -6.80 2.06
C LYS A 96 -30.06 -5.90 2.98
N LEU A 97 -30.22 -6.09 4.28
CA LEU A 97 -29.57 -5.23 5.26
C LEU A 97 -28.12 -5.61 5.54
N ALA A 98 -27.69 -6.78 5.05
CA ALA A 98 -26.32 -7.24 5.24
C ALA A 98 -25.30 -6.18 4.78
N ASP A 99 -24.42 -5.75 5.68
CA ASP A 99 -23.42 -4.73 5.35
C ASP A 99 -22.05 -5.32 5.02
N THR A 100 -21.84 -6.57 5.39
CA THR A 100 -20.55 -7.20 5.13
C THR A 100 -20.70 -8.56 4.46
N LYS A 101 -19.65 -8.97 3.76
CA LYS A 101 -19.61 -10.29 3.15
C LYS A 101 -19.82 -11.39 4.21
N THR A 102 -19.23 -11.20 5.39
CA THR A 102 -19.34 -12.17 6.48
C THR A 102 -20.79 -12.38 6.91
N ARG A 103 -21.52 -11.28 7.09
CA ARG A 103 -22.92 -11.34 7.46
C ARG A 103 -23.72 -11.98 6.34
N LEU A 104 -23.37 -11.65 5.11
CA LEU A 104 -24.03 -12.24 3.96
C LEU A 104 -23.86 -13.78 3.93
N GLU A 105 -22.64 -14.26 4.13
CA GLU A 105 -22.36 -15.68 4.03
C GLU A 105 -22.96 -16.44 5.21
N ASP A 106 -22.91 -15.85 6.41
CA ASP A 106 -23.61 -16.39 7.59
C ASP A 106 -25.05 -16.78 7.24
N LEU A 107 -25.78 -15.81 6.70
CA LEU A 107 -27.19 -16.01 6.36
C LEU A 107 -27.37 -17.10 5.32
N TYR A 108 -26.36 -17.29 4.48
CA TYR A 108 -26.44 -18.27 3.40
C TYR A 108 -26.12 -19.70 3.84
N LEU A 109 -25.43 -19.85 4.96
CA LEU A 109 -24.93 -21.15 5.41
C LEU A 109 -25.92 -22.31 5.31
N PRO A 110 -27.13 -22.18 5.89
CA PRO A 110 -28.06 -23.32 5.89
C PRO A 110 -28.47 -23.76 4.49
N TYR A 111 -28.22 -22.92 3.49
CA TYR A 111 -28.73 -23.16 2.13
C TYR A 111 -27.58 -23.47 1.18
N LYS A 112 -26.36 -23.40 1.68
CA LYS A 112 -25.21 -23.71 0.86
C LYS A 112 -25.22 -25.18 0.49
N GLN A 113 -24.65 -25.49 -0.67
CA GLN A 113 -24.40 -26.88 -1.05
C GLN A 113 -23.73 -27.56 0.12
N LYS A 114 -24.14 -28.78 0.44
CA LYS A 114 -23.56 -29.45 1.60
C LYS A 114 -22.51 -30.50 1.22
N ARG A 115 -21.42 -30.47 1.96
CA ARG A 115 -20.36 -31.47 1.81
C ARG A 115 -20.83 -32.82 2.36
N ARG A 116 -20.11 -33.88 2.01
CA ARG A 116 -20.39 -35.20 2.57
C ARG A 116 -19.83 -35.29 3.97
N THR A 117 -20.55 -34.69 4.91
CA THR A 117 -20.11 -34.60 6.28
C THR A 117 -20.84 -35.65 7.13
N LYS A 118 -20.32 -35.88 8.33
CA LYS A 118 -20.93 -36.83 9.25
C LYS A 118 -22.42 -36.58 9.43
N GLY A 119 -22.80 -35.32 9.67
CA GLY A 119 -24.19 -34.98 9.78
C GLY A 119 -24.96 -35.31 8.51
N GLN A 120 -24.33 -35.07 7.36
CA GLN A 120 -24.98 -35.29 6.07
C GLN A 120 -25.18 -36.79 5.83
N ILE A 121 -24.15 -37.56 6.14
CA ILE A 121 -24.24 -39.00 6.08
C ILE A 121 -25.34 -39.50 7.01
N ALA A 122 -25.34 -39.01 8.25
CA ALA A 122 -26.32 -39.46 9.24
C ALA A 122 -27.74 -39.19 8.76
N LEU A 123 -27.95 -38.06 8.11
CA LEU A 123 -29.28 -37.69 7.63
C LEU A 123 -29.74 -38.64 6.53
N GLU A 124 -28.79 -39.12 5.75
CA GLU A 124 -29.10 -40.01 4.64
C GLU A 124 -29.42 -41.40 5.15
N ALA A 125 -29.02 -41.66 6.40
CA ALA A 125 -29.34 -42.92 7.05
C ALA A 125 -30.65 -42.77 7.83
N GLY A 126 -31.24 -41.59 7.79
CA GLY A 126 -32.50 -41.35 8.46
C GLY A 126 -32.44 -40.99 9.94
N LEU A 127 -31.28 -40.51 10.40
CA LEU A 127 -31.10 -40.16 11.81
C LEU A 127 -31.58 -38.74 12.12
N GLY A 128 -32.13 -38.07 11.11
CA GLY A 128 -32.68 -36.75 11.32
C GLY A 128 -33.86 -36.84 12.28
N ALA A 129 -34.67 -37.88 12.10
CA ALA A 129 -35.80 -38.12 12.99
C ALA A 129 -35.35 -38.32 14.44
N LEU A 130 -34.22 -39.01 14.63
CA LEU A 130 -33.71 -39.27 15.97
C LEU A 130 -33.25 -37.98 16.65
N ALA A 131 -32.49 -37.16 15.94
CA ALA A 131 -31.97 -35.90 16.49
C ALA A 131 -33.10 -34.94 16.81
N ASP A 132 -34.11 -34.94 15.96
CA ASP A 132 -35.29 -34.11 16.15
C ASP A 132 -36.05 -34.53 17.40
N ALA A 133 -36.33 -35.83 17.49
CA ALA A 133 -37.09 -36.36 18.62
C ALA A 133 -36.42 -36.04 19.95
N LEU A 134 -35.10 -36.25 20.02
CA LEU A 134 -34.34 -35.97 21.24
C LEU A 134 -34.30 -34.47 21.57
N PHE A 135 -34.10 -33.63 20.55
CA PHE A 135 -34.10 -32.18 20.75
C PHE A 135 -35.48 -31.71 21.18
N ASP A 136 -36.51 -32.25 20.56
CA ASP A 136 -37.87 -31.83 20.85
C ASP A 136 -38.38 -32.31 22.20
N ASP A 137 -37.92 -33.47 22.66
CA ASP A 137 -38.33 -34.02 23.96
C ASP A 137 -37.17 -34.65 24.70
N PRO A 138 -36.55 -33.88 25.59
CA PRO A 138 -35.39 -34.35 26.36
C PRO A 138 -35.74 -35.39 27.45
N THR A 139 -37.01 -35.73 27.63
CA THR A 139 -37.33 -36.82 28.58
C THR A 139 -37.13 -38.19 27.93
N LEU A 140 -36.93 -38.20 26.61
CA LEU A 140 -36.63 -39.45 25.93
C LEU A 140 -35.20 -39.89 26.28
N VAL A 141 -35.01 -41.20 26.45
CA VAL A 141 -33.69 -41.78 26.69
C VAL A 141 -32.99 -41.98 25.36
N PRO A 142 -31.82 -41.30 25.17
CA PRO A 142 -31.07 -41.34 23.90
C PRO A 142 -30.83 -42.76 23.38
N GLU A 143 -30.24 -43.61 24.21
CA GLU A 143 -30.00 -45.02 23.88
C GLU A 143 -31.26 -45.80 23.47
N SER A 144 -32.36 -45.59 24.19
CA SER A 144 -33.61 -46.29 23.84
C SER A 144 -34.18 -45.80 22.51
N GLU A 145 -34.23 -44.48 22.32
CA GLU A 145 -34.69 -43.92 21.06
C GLU A 145 -33.82 -44.37 19.91
N ALA A 146 -32.51 -44.46 20.17
CA ALA A 146 -31.50 -44.75 19.17
C ALA A 146 -31.58 -46.17 18.58
N ALA A 147 -32.17 -47.10 19.32
CA ALA A 147 -32.21 -48.50 18.92
C ALA A 147 -32.88 -48.74 17.57
N ARG A 148 -34.05 -48.14 17.35
CA ARG A 148 -34.78 -48.41 16.13
C ARG A 148 -34.08 -47.84 14.88
N PHE A 149 -32.97 -47.14 15.08
CA PHE A 149 -32.25 -46.55 13.95
C PHE A 149 -31.01 -47.32 13.55
N VAL A 150 -30.59 -48.26 14.39
CA VAL A 150 -29.38 -49.01 14.10
C VAL A 150 -29.50 -49.76 12.77
N ASP A 151 -28.50 -49.60 11.92
CA ASP A 151 -28.45 -50.25 10.61
C ASP A 151 -27.00 -50.28 10.16
N ALA A 152 -26.34 -51.39 10.45
CA ALA A 152 -24.94 -51.58 10.10
C ALA A 152 -24.69 -51.32 8.62
N GLU A 153 -25.64 -51.71 7.76
CA GLU A 153 -25.48 -51.54 6.33
C GLU A 153 -25.41 -50.07 5.89
N LYS A 154 -26.09 -49.20 6.64
CA LYS A 154 -26.07 -47.78 6.32
C LYS A 154 -24.92 -47.05 7.03
N GLY A 155 -24.07 -47.82 7.70
CA GLY A 155 -22.90 -47.27 8.37
C GLY A 155 -23.05 -47.06 9.87
N PHE A 156 -24.20 -47.42 10.44
CA PHE A 156 -24.46 -47.19 11.86
C PHE A 156 -24.84 -48.50 12.57
N ALA A 157 -23.81 -49.17 13.06
CA ALA A 157 -23.92 -50.57 13.44
C ALA A 157 -24.29 -50.76 14.91
N ASP A 158 -24.31 -49.68 15.68
CA ASP A 158 -24.72 -49.76 17.08
C ASP A 158 -25.25 -48.44 17.63
N VAL A 159 -25.93 -48.51 18.77
CA VAL A 159 -26.49 -47.34 19.43
C VAL A 159 -25.49 -46.19 19.52
N LYS A 160 -24.28 -46.49 19.97
CA LYS A 160 -23.20 -45.51 20.09
C LYS A 160 -22.99 -44.72 18.78
N ALA A 161 -22.87 -45.43 17.67
CA ALA A 161 -22.62 -44.80 16.38
C ALA A 161 -23.84 -44.01 15.92
N VAL A 162 -25.03 -44.57 16.16
CA VAL A 162 -26.27 -43.87 15.87
C VAL A 162 -26.28 -42.52 16.59
N LEU A 163 -25.99 -42.52 17.89
CA LEU A 163 -26.03 -41.28 18.66
C LEU A 163 -24.99 -40.25 18.22
N GLU A 164 -23.82 -40.72 17.81
CA GLU A 164 -22.81 -39.82 17.29
C GLU A 164 -23.31 -39.20 16.00
N GLY A 165 -23.91 -40.01 15.12
CA GLY A 165 -24.49 -39.52 13.89
C GLY A 165 -25.54 -38.45 14.16
N ALA A 166 -26.41 -38.70 15.12
CA ALA A 166 -27.45 -37.76 15.51
C ALA A 166 -26.84 -36.49 16.10
N LYS A 167 -25.76 -36.65 16.86
CA LYS A 167 -25.06 -35.51 17.44
C LYS A 167 -24.52 -34.57 16.36
N TYR A 168 -23.87 -35.15 15.36
CA TYR A 168 -23.35 -34.35 14.27
C TYR A 168 -24.44 -33.58 13.52
N ILE A 169 -25.62 -34.17 13.40
CA ILE A 169 -26.73 -33.50 12.75
C ILE A 169 -27.12 -32.23 13.50
N LEU A 170 -27.17 -32.33 14.82
CA LEU A 170 -27.52 -31.17 15.65
C LEU A 170 -26.39 -30.14 15.63
N MET A 171 -25.16 -30.63 15.74
CA MET A 171 -23.97 -29.78 15.68
C MET A 171 -23.99 -28.88 14.46
N GLU A 172 -24.10 -29.48 13.29
CA GLU A 172 -24.02 -28.74 12.04
C GLU A 172 -25.18 -27.77 11.87
N ARG A 173 -26.34 -28.18 12.37
CA ARG A 173 -27.54 -27.34 12.33
C ARG A 173 -27.35 -26.13 13.25
N PHE A 174 -26.79 -26.40 14.43
CA PHE A 174 -26.51 -25.36 15.41
C PHE A 174 -25.46 -24.40 14.87
N ALA A 175 -24.46 -24.96 14.19
CA ALA A 175 -23.30 -24.19 13.74
C ALA A 175 -23.60 -23.32 12.53
N GLU A 176 -24.74 -23.55 11.87
CA GLU A 176 -25.07 -22.78 10.67
C GLU A 176 -26.09 -21.67 10.98
N ASP A 177 -26.35 -21.45 12.26
CA ASP A 177 -27.29 -20.43 12.67
C ASP A 177 -26.64 -19.04 12.64
N ALA A 178 -27.19 -18.15 11.82
CA ALA A 178 -26.58 -16.85 11.57
C ALA A 178 -26.63 -15.92 12.80
N THR A 179 -27.75 -15.95 13.53
CA THR A 179 -27.91 -15.11 14.72
C THR A 179 -26.91 -15.48 15.81
N LEU A 180 -26.70 -16.78 16.02
CA LEU A 180 -25.75 -17.24 17.01
C LEU A 180 -24.30 -16.93 16.56
N LEU A 181 -24.02 -17.12 15.28
CA LEU A 181 -22.69 -16.83 14.75
C LEU A 181 -22.29 -15.38 15.02
N ASP A 182 -23.17 -14.45 14.66
CA ASP A 182 -22.91 -13.04 14.92
C ASP A 182 -22.66 -12.82 16.40
N LYS A 183 -23.54 -13.38 17.23
CA LYS A 183 -23.42 -13.18 18.67
C LYS A 183 -22.10 -13.68 19.21
N LEU A 184 -21.71 -14.88 18.79
CA LEU A 184 -20.46 -15.48 19.22
C LEU A 184 -19.25 -14.73 18.65
N ARG A 185 -19.37 -14.25 17.42
CA ARG A 185 -18.26 -13.55 16.79
C ARG A 185 -18.02 -12.22 17.49
N VAL A 186 -19.10 -11.45 17.68
CA VAL A 186 -19.00 -10.17 18.36
C VAL A 186 -18.47 -10.32 19.79
N PHE A 187 -19.04 -11.28 20.53
CA PHE A 187 -18.56 -11.59 21.88
C PHE A 187 -17.07 -11.93 21.90
N MET A 188 -16.67 -12.87 21.04
CA MET A 188 -15.28 -13.26 20.96
C MET A 188 -14.38 -12.06 20.63
N LYS A 189 -14.81 -11.24 19.68
CA LYS A 189 -14.05 -10.07 19.28
C LYS A 189 -13.82 -9.15 20.46
N ASN A 190 -14.85 -8.97 21.26
CA ASN A 190 -14.82 -8.02 22.36
C ASN A 190 -14.20 -8.54 23.64
N GLU A 191 -14.08 -9.87 23.76
CA GLU A 191 -13.69 -10.47 25.04
C GLU A 191 -12.51 -11.42 24.98
N ALA A 192 -12.16 -11.90 23.79
CA ALA A 192 -11.12 -12.92 23.67
C ALA A 192 -9.71 -12.36 23.73
N THR A 193 -8.86 -13.06 24.46
CA THR A 193 -7.43 -12.76 24.54
C THR A 193 -6.71 -13.49 23.42
N LEU A 194 -5.97 -12.74 22.61
CA LEU A 194 -5.07 -13.32 21.64
C LEU A 194 -3.91 -13.95 22.39
N THR A 195 -3.67 -15.21 22.13
CA THR A 195 -2.76 -15.99 22.94
C THR A 195 -1.70 -16.65 22.07
N ALA A 196 -0.46 -16.25 22.30
CA ALA A 196 0.67 -16.78 21.55
C ALA A 196 1.59 -17.48 22.52
N ARG A 197 1.97 -18.70 22.17
CA ARG A 197 2.80 -19.55 23.00
C ARG A 197 3.79 -20.23 22.10
N VAL A 198 5.04 -20.34 22.56
CA VAL A 198 6.03 -21.03 21.78
C VAL A 198 5.68 -22.52 21.69
N VAL A 199 5.92 -23.11 20.53
CA VAL A 199 5.78 -24.55 20.36
C VAL A 199 6.90 -25.23 21.13
N PRO A 200 6.56 -26.18 22.01
CA PRO A 200 7.56 -26.86 22.86
C PRO A 200 8.72 -27.46 22.05
N GLY A 201 9.94 -27.08 22.41
CA GLY A 201 11.12 -27.61 21.76
C GLY A 201 11.71 -26.70 20.69
N LYS A 202 11.00 -25.64 20.34
CA LYS A 202 11.50 -24.71 19.33
C LYS A 202 11.85 -23.35 19.92
N GLU A 203 12.37 -23.40 21.15
CA GLU A 203 12.77 -22.20 21.87
C GLU A 203 14.03 -21.57 21.26
N GLN A 204 14.91 -22.42 20.74
CA GLN A 204 16.11 -21.93 20.10
C GLN A 204 15.79 -21.58 18.65
N GLU A 205 15.26 -22.57 17.94
CA GLU A 205 14.90 -22.39 16.54
C GLU A 205 14.08 -21.12 16.29
N GLY A 206 13.11 -20.85 17.15
CA GLY A 206 12.27 -19.67 16.98
C GLY A 206 12.67 -18.51 17.88
N ALA A 207 13.96 -18.38 18.15
CA ALA A 207 14.49 -17.36 19.05
C ALA A 207 14.07 -15.94 18.68
N LYS A 208 13.85 -15.69 17.39
CA LYS A 208 13.41 -14.38 16.92
C LYS A 208 12.06 -13.99 17.52
N PHE A 209 11.25 -14.99 17.85
CA PHE A 209 9.88 -14.75 18.31
C PHE A 209 9.74 -14.82 19.82
N SER A 210 10.86 -14.67 20.52
CA SER A 210 10.92 -14.87 21.96
C SER A 210 9.97 -13.96 22.73
N ASP A 211 9.67 -12.79 22.17
CA ASP A 211 8.74 -11.87 22.82
C ASP A 211 7.33 -12.43 22.88
N TYR A 212 7.05 -13.42 22.04
CA TYR A 212 5.69 -13.96 21.87
C TYR A 212 5.57 -15.37 22.42
N PHE A 213 6.60 -15.79 23.14
CA PHE A 213 6.66 -17.14 23.70
C PHE A 213 5.56 -17.38 24.73
N GLU A 214 5.15 -16.31 25.41
CA GLU A 214 4.17 -16.39 26.48
C GLU A 214 3.37 -15.09 26.47
N HIS A 215 2.87 -14.74 25.29
CA HIS A 215 2.26 -13.44 25.07
C HIS A 215 0.74 -13.48 25.10
N ASP A 216 0.16 -12.53 25.81
CA ASP A 216 -1.28 -12.36 25.85
C ASP A 216 -1.62 -10.90 25.68
N GLU A 217 -2.66 -10.62 24.89
CA GLU A 217 -3.24 -9.28 24.81
C GLU A 217 -4.60 -9.37 24.17
N PRO A 218 -5.48 -8.40 24.48
CA PRO A 218 -6.79 -8.34 23.85
C PRO A 218 -6.70 -8.49 22.34
N LEU A 219 -7.60 -9.30 21.78
CA LEU A 219 -7.63 -9.50 20.34
C LEU A 219 -8.01 -8.21 19.63
N LYS A 220 -9.00 -7.51 20.18
CA LYS A 220 -9.55 -6.31 19.55
C LYS A 220 -8.60 -5.12 19.52
N SER A 221 -7.46 -5.24 20.20
CA SER A 221 -6.51 -4.14 20.27
C SER A 221 -5.12 -4.50 19.77
N ALA A 222 -4.93 -5.75 19.37
CA ALA A 222 -3.64 -6.21 18.89
C ALA A 222 -3.14 -5.36 17.73
N PRO A 223 -1.97 -4.72 17.90
CA PRO A 223 -1.47 -3.82 16.85
C PRO A 223 -0.87 -4.61 15.69
N SER A 224 -0.71 -3.92 14.57
CA SER A 224 -0.28 -4.52 13.32
C SER A 224 1.03 -5.30 13.38
N HIS A 225 2.09 -4.72 13.96
CA HIS A 225 3.40 -5.37 13.90
C HIS A 225 3.47 -6.65 14.75
N ARG A 226 2.93 -6.61 15.96
CA ARG A 226 2.90 -7.80 16.80
C ARG A 226 2.09 -8.89 16.11
N ALA A 227 0.96 -8.48 15.52
CA ALA A 227 0.08 -9.40 14.80
C ALA A 227 0.79 -10.08 13.64
N LEU A 228 1.57 -9.33 12.87
CA LEU A 228 2.28 -9.90 11.74
C LEU A 228 3.44 -10.78 12.19
N ALA A 229 4.08 -10.41 13.31
CA ALA A 229 5.13 -11.23 13.90
C ALA A 229 4.57 -12.57 14.36
N ILE A 230 3.45 -12.54 15.06
CA ILE A 230 2.80 -13.76 15.56
C ILE A 230 2.40 -14.72 14.44
N PHE A 231 1.76 -14.21 13.39
CA PHE A 231 1.33 -15.04 12.27
C PHE A 231 2.49 -15.62 11.50
N ARG A 232 3.61 -14.91 11.50
CA ARG A 232 4.81 -15.39 10.82
C ARG A 232 5.45 -16.51 11.63
N GLY A 233 5.56 -16.30 12.94
CA GLY A 233 6.07 -17.33 13.83
C GLY A 233 5.23 -18.60 13.78
N ARG A 234 3.92 -18.41 13.79
CA ARG A 234 2.97 -19.51 13.65
C ARG A 234 3.15 -20.18 12.29
N ASN A 235 3.38 -19.38 11.26
CA ASN A 235 3.53 -19.89 9.90
C ASN A 235 4.75 -20.76 9.71
N GLU A 236 5.79 -20.54 10.51
CA GLU A 236 6.98 -21.37 10.41
C GLU A 236 7.11 -22.33 11.59
N GLY A 237 5.97 -22.72 12.15
CA GLY A 237 5.90 -23.79 13.14
C GLY A 237 6.52 -23.48 14.50
N VAL A 238 6.91 -22.24 14.70
CA VAL A 238 7.55 -21.85 15.95
C VAL A 238 6.55 -21.47 17.02
N LEU A 239 5.45 -20.83 16.62
CA LEU A 239 4.42 -20.41 17.57
C LEU A 239 3.08 -21.08 17.33
N SER A 240 2.21 -20.92 18.32
CA SER A 240 0.82 -21.33 18.17
C SER A 240 -0.02 -20.13 18.57
N ALA A 241 -1.13 -19.94 17.88
CA ALA A 241 -2.02 -18.83 18.21
C ALA A 241 -3.44 -19.34 18.42
N SER A 242 -4.08 -18.84 19.46
CA SER A 242 -5.44 -19.22 19.75
C SER A 242 -6.14 -18.06 20.42
N LEU A 243 -7.44 -18.21 20.62
CA LEU A 243 -8.23 -17.22 21.32
C LEU A 243 -8.77 -17.82 22.61
N LYS A 244 -8.66 -17.07 23.70
CA LYS A 244 -9.06 -17.54 25.02
C LYS A 244 -9.97 -16.52 25.71
N VAL A 245 -11.00 -17.03 26.37
CA VAL A 245 -11.82 -16.23 27.26
C VAL A 245 -11.63 -16.65 28.71
N GLY A 246 -11.83 -17.93 29.05
CA GLY A 246 -12.31 -18.99 28.15
C GLY A 246 -11.27 -19.91 27.51
N ALA A 249 -9.62 -28.15 30.65
CA ALA A 249 -10.57 -28.85 31.52
C ALA A 249 -10.43 -28.48 33.00
N PRO A 250 -10.91 -27.30 33.42
CA PRO A 250 -11.12 -26.93 34.83
C PRO A 250 -12.53 -27.36 35.22
N GLY A 251 -13.16 -28.13 34.33
CA GLY A 251 -14.55 -28.55 34.48
C GLY A 251 -15.46 -27.33 34.47
N THR A 252 -15.11 -26.32 33.68
CA THR A 252 -15.89 -25.10 33.63
C THR A 252 -16.63 -24.98 32.30
N LEU A 253 -17.84 -24.44 32.35
CA LEU A 253 -18.62 -24.21 31.15
C LEU A 253 -18.10 -22.96 30.45
N HIS A 254 -17.82 -23.09 29.16
CA HIS A 254 -17.38 -21.93 28.37
C HIS A 254 -18.57 -21.01 28.14
N PRO A 255 -18.35 -19.70 28.27
CA PRO A 255 -19.43 -18.71 28.12
C PRO A 255 -20.14 -18.84 26.77
N CYS A 256 -19.43 -19.34 25.76
CA CYS A 256 -20.03 -19.51 24.44
C CYS A 256 -20.88 -20.79 24.38
N GLU A 257 -20.52 -21.79 25.18
CA GLU A 257 -21.37 -22.97 25.34
C GLU A 257 -22.71 -22.57 25.94
N VAL A 258 -22.67 -21.62 26.87
CA VAL A 258 -23.87 -21.05 27.47
C VAL A 258 -24.75 -20.38 26.42
N MET A 259 -24.13 -19.57 25.56
CA MET A 259 -24.85 -18.85 24.51
C MET A 259 -25.48 -19.78 23.49
N ILE A 260 -24.76 -20.85 23.15
CA ILE A 260 -25.26 -21.83 22.20
C ILE A 260 -26.54 -22.46 22.74
N ALA A 261 -26.46 -22.96 23.96
CA ALA A 261 -27.61 -23.59 24.61
C ALA A 261 -28.77 -22.62 24.73
N GLU A 262 -28.50 -21.40 25.18
CA GLU A 262 -29.54 -20.40 25.36
C GLU A 262 -30.21 -20.07 24.04
N ARG A 263 -29.41 -20.05 22.98
CA ARG A 263 -29.95 -19.78 21.65
C ARG A 263 -30.94 -20.86 21.25
N PHE A 264 -30.68 -22.09 21.67
CA PHE A 264 -31.49 -23.22 21.24
C PHE A 264 -32.45 -23.77 22.32
N GLY A 265 -32.62 -23.01 23.39
CA GLY A 265 -33.59 -23.31 24.43
C GLY A 265 -33.26 -24.57 25.22
N LEU A 266 -31.97 -24.89 25.26
CA LEU A 266 -31.50 -26.08 25.95
C LEU A 266 -31.09 -25.73 27.37
N SER A 267 -31.66 -26.41 28.36
CA SER A 267 -31.25 -26.23 29.74
C SER A 267 -31.10 -27.60 30.36
N ASN A 268 -30.01 -27.80 31.10
CA ASN A 268 -29.71 -29.11 31.67
C ASN A 268 -30.45 -29.34 32.98
N GLN A 269 -31.70 -29.80 32.88
CA GLN A 269 -32.57 -29.98 34.05
C GLN A 269 -32.54 -31.39 34.61
N GLY A 270 -31.59 -32.20 34.15
CA GLY A 270 -31.51 -33.57 34.62
C GLY A 270 -32.50 -34.52 33.97
N ARG A 271 -33.06 -34.12 32.82
CA ARG A 271 -33.92 -35.02 32.06
C ARG A 271 -33.08 -36.05 31.31
N ALA A 272 -33.70 -37.17 30.93
CA ALA A 272 -32.93 -38.31 30.39
C ALA A 272 -31.96 -37.92 29.28
N ALA A 273 -32.35 -36.98 28.43
CA ALA A 273 -31.53 -36.62 27.27
C ALA A 273 -30.63 -35.41 27.51
N ASP A 274 -30.79 -34.75 28.65
CA ASP A 274 -30.14 -33.45 28.90
C ASP A 274 -28.62 -33.49 28.79
N LYS A 275 -28.01 -34.53 29.36
CA LYS A 275 -26.56 -34.68 29.32
C LYS A 275 -26.03 -34.96 27.91
N TRP A 276 -26.80 -35.69 27.12
CA TRP A 276 -26.42 -35.91 25.72
C TRP A 276 -26.48 -34.60 24.97
N LEU A 277 -27.56 -33.85 25.23
CA LEU A 277 -27.75 -32.55 24.62
C LEU A 277 -26.66 -31.55 24.98
N ALA A 278 -26.23 -31.54 26.25
CA ALA A 278 -25.12 -30.69 26.68
C ALA A 278 -23.83 -31.16 26.03
N GLU A 279 -23.74 -32.45 25.78
CA GLU A 279 -22.62 -32.99 25.04
C GLU A 279 -22.62 -32.46 23.61
N VAL A 280 -23.81 -32.41 23.00
CA VAL A 280 -23.96 -31.86 21.65
C VAL A 280 -23.42 -30.43 21.63
N VAL A 281 -23.89 -29.62 22.58
CA VAL A 281 -23.47 -28.22 22.70
C VAL A 281 -21.95 -28.08 22.82
N ARG A 282 -21.38 -28.92 23.69
CA ARG A 282 -19.95 -28.91 23.92
C ARG A 282 -19.21 -29.21 22.63
N TRP A 283 -19.67 -30.23 21.92
CA TRP A 283 -19.01 -30.62 20.68
C TRP A 283 -19.19 -29.56 19.58
N THR A 284 -20.36 -28.92 19.54
CA THR A 284 -20.62 -27.88 18.57
C THR A 284 -19.58 -26.78 18.72
N TRP A 285 -19.37 -26.38 19.96
CA TRP A 285 -18.39 -25.36 20.25
C TRP A 285 -16.98 -25.81 19.87
N LYS A 286 -16.56 -26.95 20.44
CA LYS A 286 -15.18 -27.40 20.32
C LYS A 286 -14.79 -27.93 18.95
N VAL A 287 -15.76 -28.38 18.16
CA VAL A 287 -15.45 -28.93 16.85
C VAL A 287 -15.79 -27.96 15.69
N LYS A 288 -16.93 -27.28 15.79
CA LYS A 288 -17.39 -26.45 14.69
C LYS A 288 -17.17 -24.96 14.90
N LEU A 289 -17.75 -24.42 15.98
CA LEU A 289 -17.87 -22.99 16.13
C LEU A 289 -16.56 -22.30 16.52
N TYR A 290 -15.82 -22.84 17.48
CA TYR A 290 -14.58 -22.20 17.87
C TYR A 290 -13.69 -22.00 16.65
N THR A 291 -13.38 -23.09 15.96
CA THR A 291 -12.47 -23.04 14.84
C THR A 291 -12.99 -22.16 13.70
N HIS A 292 -14.30 -22.18 13.46
CA HIS A 292 -14.91 -21.30 12.48
C HIS A 292 -14.64 -19.84 12.86
N LEU A 293 -14.98 -19.49 14.08
CA LEU A 293 -14.83 -18.13 14.56
C LEU A 293 -13.37 -17.67 14.62
N GLU A 294 -12.48 -18.59 15.00
CA GLU A 294 -11.04 -18.28 15.07
C GLU A 294 -10.54 -17.94 13.68
N THR A 295 -10.99 -18.70 12.71
CA THR A 295 -10.60 -18.47 11.33
C THR A 295 -11.10 -17.11 10.86
N ASP A 296 -12.36 -16.80 11.14
CA ASP A 296 -12.91 -15.48 10.86
C ASP A 296 -12.10 -14.37 11.55
N LEU A 297 -11.83 -14.54 12.84
CA LEU A 297 -11.21 -13.47 13.62
C LEU A 297 -9.71 -13.33 13.34
N PHE A 298 -9.03 -14.45 13.13
CA PHE A 298 -7.64 -14.42 12.67
C PHE A 298 -7.54 -13.75 11.31
N GLY A 299 -8.45 -14.09 10.40
CA GLY A 299 -8.46 -13.52 9.07
C GLY A 299 -8.63 -12.01 9.10
N GLU A 300 -9.57 -11.57 9.92
CA GLU A 300 -9.86 -10.15 10.06
C GLU A 300 -8.67 -9.39 10.67
N LEU A 301 -8.04 -9.97 11.69
CA LEU A 301 -6.85 -9.39 12.32
C LEU A 301 -5.74 -9.25 11.29
N ARG A 302 -5.53 -10.30 10.51
CA ARG A 302 -4.51 -10.31 9.48
C ARG A 302 -4.75 -9.25 8.40
N ASP A 303 -5.94 -9.22 7.84
CA ASP A 303 -6.30 -8.23 6.84
C ASP A 303 -5.98 -6.83 7.33
N GLY A 304 -6.43 -6.53 8.54
CA GLY A 304 -6.26 -5.23 9.14
C GLY A 304 -4.80 -4.88 9.31
N ALA A 305 -4.02 -5.82 9.84
CA ALA A 305 -2.60 -5.59 10.09
C ALA A 305 -1.81 -5.47 8.78
N GLU A 306 -2.22 -6.22 7.77
CA GLU A 306 -1.56 -6.13 6.47
C GLU A 306 -1.84 -4.80 5.79
N ASP A 307 -3.11 -4.39 5.83
CA ASP A 307 -3.50 -3.10 5.29
C ASP A 307 -2.62 -2.00 5.86
N GLU A 308 -2.50 -1.99 7.18
CA GLU A 308 -1.68 -0.98 7.85
C GLU A 308 -0.22 -1.06 7.40
N ALA A 309 0.32 -2.28 7.35
CA ALA A 309 1.71 -2.49 6.94
C ALA A 309 1.93 -2.03 5.50
N ILE A 310 1.02 -2.41 4.61
CA ILE A 310 1.12 -2.04 3.20
C ILE A 310 1.00 -0.52 3.03
N SER A 311 0.18 0.08 3.87
CA SER A 311 0.00 1.52 3.89
C SER A 311 1.32 2.23 4.21
N VAL A 312 2.18 1.57 4.96
CA VAL A 312 3.48 2.13 5.28
C VAL A 312 4.46 1.93 4.13
N PHE A 313 4.42 0.75 3.50
CA PHE A 313 5.26 0.49 2.33
C PHE A 313 4.97 1.52 1.25
N ALA A 314 3.68 1.79 1.04
CA ALA A 314 3.21 2.69 -0.01
C ALA A 314 3.72 4.10 0.22
N ARG A 315 3.69 4.55 1.48
CA ARG A 315 4.24 5.85 1.85
C ARG A 315 5.76 5.87 1.64
N ASN A 316 6.43 4.78 2.01
CA ASN A 316 7.88 4.73 1.89
C ASN A 316 8.39 4.75 0.45
N LEU A 317 7.70 4.02 -0.42
CA LEU A 317 8.03 4.00 -1.83
C LEU A 317 7.77 5.38 -2.43
N HIS A 318 6.65 5.98 -2.04
CA HIS A 318 6.29 7.30 -2.52
C HIS A 318 7.41 8.29 -2.24
N ASP A 319 7.89 8.27 -0.99
CA ASP A 319 9.04 9.07 -0.59
C ASP A 319 10.23 8.79 -1.48
N LEU A 320 10.47 7.51 -1.77
CA LEU A 320 11.61 7.14 -2.62
C LEU A 320 11.47 7.71 -4.04
N LEU A 321 10.29 7.52 -4.64
CA LEU A 321 10.05 7.96 -6.01
C LEU A 321 10.12 9.48 -6.21
N LEU A 322 9.82 10.25 -5.16
CA LEU A 322 9.72 11.70 -5.28
C LEU A 322 10.88 12.47 -4.66
N ALA A 323 11.90 11.74 -4.21
CA ALA A 323 13.09 12.36 -3.63
C ALA A 323 13.85 13.18 -4.67
N ALA A 324 14.41 14.31 -4.24
CA ALA A 324 15.20 15.17 -5.12
C ALA A 324 16.26 14.37 -5.88
N PRO A 325 16.21 14.42 -7.22
CA PRO A 325 17.25 13.82 -8.06
C PRO A 325 18.52 14.64 -7.91
N ALA A 326 19.67 13.97 -7.83
CA ALA A 326 20.96 14.64 -7.79
C ALA A 326 21.32 15.18 -9.17
N GLY A 327 20.68 14.66 -10.20
CA GLY A 327 20.88 15.11 -11.57
C GLY A 327 22.11 14.55 -12.25
N PRO A 328 22.51 15.17 -13.37
CA PRO A 328 23.60 14.65 -14.21
C PRO A 328 24.95 14.95 -13.58
N ARG A 329 25.30 14.19 -12.54
CA ARG A 329 26.60 14.32 -11.91
C ARG A 329 27.24 12.94 -11.81
N ALA A 330 28.52 12.85 -12.18
CA ALA A 330 29.26 11.59 -12.13
C ALA A 330 29.19 10.96 -10.74
N THR A 331 28.87 9.67 -10.68
CA THR A 331 28.59 9.05 -9.39
C THR A 331 29.30 7.70 -9.23
N LEU A 332 29.85 7.48 -8.04
CA LEU A 332 30.38 6.19 -7.63
C LEU A 332 29.36 5.47 -6.77
N GLY A 333 28.87 4.34 -7.25
CA GLY A 333 27.90 3.56 -6.51
C GLY A 333 28.57 2.45 -5.73
N LEU A 334 28.24 2.35 -4.45
CA LEU A 334 28.77 1.32 -3.58
C LEU A 334 27.66 0.44 -3.02
N ASP A 335 27.73 -0.84 -3.36
CA ASP A 335 26.80 -1.86 -2.88
C ASP A 335 27.54 -2.68 -1.82
N PRO A 336 27.26 -2.41 -0.53
CA PRO A 336 28.08 -2.92 0.58
C PRO A 336 27.95 -4.43 0.82
N GLY A 337 28.98 -5.02 1.42
CA GLY A 337 28.95 -6.42 1.77
C GLY A 337 30.17 -6.78 2.58
N LEU A 338 30.18 -7.98 3.15
CA LEU A 338 31.34 -8.42 3.91
C LEU A 338 32.18 -9.42 3.14
N ARG A 339 31.86 -10.70 3.27
CA ARG A 339 32.62 -11.74 2.58
C ARG A 339 32.49 -11.59 1.07
N THR A 340 31.32 -11.16 0.61
CA THR A 340 31.12 -10.96 -0.83
C THR A 340 31.63 -9.58 -1.28
N GLY A 341 32.15 -8.82 -0.32
CA GLY A 341 32.78 -7.55 -0.60
C GLY A 341 31.82 -6.43 -0.97
N VAL A 342 32.40 -5.26 -1.24
CA VAL A 342 31.65 -4.10 -1.64
C VAL A 342 31.69 -4.04 -3.16
N LYS A 343 30.52 -4.02 -3.80
CA LYS A 343 30.46 -3.92 -5.25
C LYS A 343 30.46 -2.47 -5.65
N VAL A 344 31.18 -2.17 -6.72
CA VAL A 344 31.49 -0.80 -7.11
C VAL A 344 31.09 -0.58 -8.56
N ALA A 345 30.45 0.56 -8.82
CA ALA A 345 30.15 0.99 -10.19
C ALA A 345 30.36 2.48 -10.31
N VAL A 346 30.89 2.93 -11.44
CA VAL A 346 31.09 4.35 -11.69
C VAL A 346 30.34 4.75 -12.95
N VAL A 347 29.41 5.70 -12.82
CA VAL A 347 28.62 6.16 -13.94
C VAL A 347 28.89 7.63 -14.23
N ASP A 348 28.92 7.98 -15.51
CA ASP A 348 29.13 9.36 -15.89
C ASP A 348 27.85 10.17 -15.71
N ALA A 349 27.87 11.43 -16.12
CA ALA A 349 26.75 12.33 -15.91
C ALA A 349 25.45 11.87 -16.57
N THR A 350 25.56 11.13 -17.67
CA THR A 350 24.39 10.64 -18.38
C THR A 350 23.87 9.34 -17.78
N GLY A 351 24.62 8.77 -16.83
CA GLY A 351 24.24 7.50 -16.24
C GLY A 351 24.94 6.32 -16.91
N LYS A 352 25.81 6.62 -17.88
CA LYS A 352 26.53 5.57 -18.58
C LYS A 352 27.63 4.96 -17.71
N LEU A 353 27.65 3.64 -17.62
CA LEU A 353 28.66 2.92 -16.85
C LEU A 353 30.06 3.16 -17.42
N LEU A 354 31.01 3.40 -16.52
CA LEU A 354 32.40 3.71 -16.89
C LEU A 354 33.38 2.65 -16.39
N ASP A 355 33.03 1.98 -15.31
CA ASP A 355 33.93 1.05 -14.64
C ASP A 355 33.20 0.30 -13.54
N THR A 356 33.74 -0.86 -13.17
CA THR A 356 33.24 -1.60 -12.01
C THR A 356 34.42 -2.23 -11.27
N ALA A 357 34.13 -2.74 -10.08
CA ALA A 357 35.14 -3.44 -9.30
C ALA A 357 34.46 -4.14 -8.16
N THR A 358 35.14 -5.11 -7.57
CA THR A 358 34.70 -5.71 -6.34
C THR A 358 35.89 -5.56 -5.41
N VAL A 359 35.65 -4.95 -4.26
CA VAL A 359 36.72 -4.71 -3.28
C VAL A 359 36.30 -5.33 -1.95
N TYR A 360 37.27 -5.67 -1.11
CA TYR A 360 36.99 -6.34 0.17
C TYR A 360 37.60 -5.61 1.35
N PRO A 361 37.14 -4.37 1.60
CA PRO A 361 37.67 -3.51 2.66
C PRO A 361 37.38 -4.04 4.06
N HIS A 362 36.25 -4.74 4.22
CA HIS A 362 35.80 -5.16 5.54
C HIS A 362 36.14 -6.61 5.84
N ALA A 363 35.68 -7.08 6.99
CA ALA A 363 35.85 -8.47 7.39
C ALA A 363 35.22 -9.36 6.34
N PRO A 364 35.83 -10.53 6.07
CA PRO A 364 37.04 -11.06 6.72
C PRO A 364 38.36 -10.65 6.05
N LYS A 365 38.34 -10.12 4.83
CA LYS A 365 39.60 -9.85 4.15
C LYS A 365 40.29 -8.62 4.72
N ASN A 366 39.50 -7.65 5.15
CA ASN A 366 40.04 -6.40 5.71
C ASN A 366 41.08 -5.73 4.82
N GLN A 367 40.79 -5.62 3.53
CA GLN A 367 41.69 -4.96 2.58
C GLN A 367 41.32 -3.49 2.43
N TRP A 368 41.35 -2.80 3.57
CA TRP A 368 40.83 -1.46 3.69
C TRP A 368 41.60 -0.45 2.86
N ASP A 369 42.91 -0.36 3.08
CA ASP A 369 43.74 0.60 2.38
C ASP A 369 43.79 0.33 0.87
N GLN A 370 43.87 -0.93 0.49
CA GLN A 370 43.85 -1.31 -0.92
C GLN A 370 42.58 -0.80 -1.58
N THR A 371 41.47 -0.94 -0.86
CA THR A 371 40.16 -0.53 -1.36
C THR A 371 40.10 0.99 -1.53
N LEU A 372 40.59 1.70 -0.52
CA LEU A 372 40.66 3.15 -0.59
C LEU A 372 41.45 3.61 -1.82
N ALA A 373 42.58 2.95 -2.08
CA ALA A 373 43.37 3.29 -3.27
C ALA A 373 42.58 3.06 -4.56
N VAL A 374 41.85 1.95 -4.63
CA VAL A 374 41.05 1.66 -5.81
C VAL A 374 39.98 2.72 -6.04
N LEU A 375 39.22 3.03 -4.99
CA LEU A 375 38.15 4.02 -5.08
C LEU A 375 38.69 5.41 -5.42
N ALA A 376 39.78 5.79 -4.75
CA ALA A 376 40.45 7.06 -5.05
C ALA A 376 40.83 7.16 -6.51
N ALA A 377 41.47 6.13 -7.03
CA ALA A 377 41.89 6.11 -8.44
C ALA A 377 40.69 6.26 -9.37
N LEU A 378 39.60 5.55 -9.08
CA LEU A 378 38.40 5.59 -9.90
C LEU A 378 37.76 6.96 -9.89
N CYS A 379 37.66 7.54 -8.70
CA CYS A 379 37.07 8.85 -8.53
C CYS A 379 37.85 9.88 -9.33
N ALA A 380 39.17 9.78 -9.28
CA ALA A 380 40.04 10.73 -9.96
C ALA A 380 39.94 10.66 -11.48
N LYS A 381 40.08 9.47 -12.06
CA LYS A 381 40.11 9.38 -13.52
C LYS A 381 38.75 9.57 -14.16
N HIS A 382 37.69 9.58 -13.36
CA HIS A 382 36.34 9.78 -13.88
C HIS A 382 35.66 11.02 -13.32
N GLN A 383 36.40 11.83 -12.59
CA GLN A 383 35.85 13.07 -12.03
C GLN A 383 34.53 12.80 -11.32
N VAL A 384 34.52 11.81 -10.42
CA VAL A 384 33.35 11.54 -9.61
C VAL A 384 33.02 12.73 -8.70
N GLU A 385 31.74 13.05 -8.55
CA GLU A 385 31.34 14.10 -7.64
C GLU A 385 30.61 13.51 -6.44
N LEU A 386 29.83 12.46 -6.70
CA LEU A 386 28.95 11.88 -5.71
C LEU A 386 29.27 10.43 -5.44
N ILE A 387 29.16 10.05 -4.17
CA ILE A 387 29.23 8.65 -3.78
C ILE A 387 27.86 8.19 -3.29
N ALA A 388 27.31 7.20 -3.98
CA ALA A 388 26.02 6.62 -3.60
C ALA A 388 26.29 5.31 -2.85
N ILE A 389 25.78 5.22 -1.62
CA ILE A 389 26.01 4.06 -0.77
C ILE A 389 24.69 3.40 -0.36
N GLY A 390 24.53 2.12 -0.70
CA GLY A 390 23.34 1.38 -0.36
C GLY A 390 23.28 1.12 1.12
N ASN A 391 22.07 1.12 1.68
CA ASN A 391 21.89 1.04 3.13
C ASN A 391 21.70 -0.39 3.65
N GLY A 392 22.17 -1.36 2.88
CA GLY A 392 22.05 -2.74 3.29
C GLY A 392 23.15 -3.16 4.25
N THR A 393 23.58 -4.40 4.10
CA THR A 393 24.52 -5.03 5.01
C THR A 393 25.90 -4.41 4.86
N ALA A 394 26.51 -4.06 5.99
CA ALA A 394 27.83 -3.42 6.02
C ALA A 394 27.79 -1.97 5.49
N SER A 395 26.59 -1.41 5.37
CA SER A 395 26.47 -0.03 4.90
C SER A 395 27.15 0.96 5.84
N ARG A 396 27.08 0.69 7.13
CA ARG A 396 27.69 1.55 8.13
C ARG A 396 29.21 1.56 7.98
N GLU A 397 29.81 0.38 7.78
CA GLU A 397 31.26 0.28 7.60
C GLU A 397 31.70 0.91 6.29
N THR A 398 30.83 0.84 5.29
CA THR A 398 31.14 1.38 3.97
C THR A 398 31.06 2.91 3.97
N ASP A 399 30.09 3.45 4.68
CA ASP A 399 29.98 4.90 4.90
C ASP A 399 31.26 5.44 5.56
N LYS A 400 31.73 4.71 6.57
CA LYS A 400 32.99 5.05 7.24
C LYS A 400 34.15 5.08 6.25
N LEU A 401 34.17 4.10 5.36
CA LEU A 401 35.21 3.99 4.35
C LEU A 401 35.19 5.18 3.41
N ALA A 402 34.01 5.49 2.88
CA ALA A 402 33.84 6.65 2.02
C ALA A 402 34.24 7.91 2.79
N GLY A 403 33.85 7.97 4.06
CA GLY A 403 34.25 9.04 4.95
C GLY A 403 35.75 9.23 4.97
N GLU A 404 36.49 8.13 5.03
CA GLU A 404 37.95 8.17 5.03
C GLU A 404 38.52 8.52 3.67
N LEU A 405 37.79 8.19 2.61
CA LEU A 405 38.25 8.56 1.27
C LEU A 405 38.15 10.09 1.12
N ILE A 406 36.98 10.63 1.47
CA ILE A 406 36.75 12.06 1.42
C ILE A 406 37.79 12.81 2.23
N LYS A 407 38.05 12.31 3.43
CA LYS A 407 39.03 12.90 4.34
C LYS A 407 40.42 12.92 3.72
N LYS A 408 40.88 11.77 3.24
CA LYS A 408 42.21 11.64 2.68
C LYS A 408 42.40 12.40 1.36
N TYR A 409 41.32 12.71 0.65
CA TYR A 409 41.42 13.37 -0.64
C TYR A 409 40.43 14.53 -0.79
N PRO A 410 40.62 15.59 0.01
CA PRO A 410 39.75 16.77 0.01
C PRO A 410 39.65 17.39 -1.38
N GLY A 411 40.76 17.36 -2.12
CA GLY A 411 40.82 17.95 -3.44
C GLY A 411 39.77 17.44 -4.40
N MET A 412 39.33 16.20 -4.23
CA MET A 412 38.32 15.63 -5.12
C MET A 412 36.92 16.21 -4.91
N LYS A 413 36.72 16.83 -3.76
CA LYS A 413 35.42 17.46 -3.45
C LYS A 413 34.27 16.46 -3.56
N LEU A 414 34.43 15.30 -2.94
CA LEU A 414 33.42 14.26 -3.03
C LEU A 414 32.35 14.49 -1.98
N THR A 415 31.13 14.07 -2.30
CA THR A 415 30.04 14.06 -1.35
C THR A 415 29.49 12.66 -1.31
N LYS A 416 29.24 12.13 -0.12
CA LYS A 416 28.67 10.80 0.04
C LYS A 416 27.25 10.87 0.56
N ILE A 417 26.38 10.05 -0.03
CA ILE A 417 24.97 10.02 0.32
C ILE A 417 24.50 8.58 0.51
N MET A 418 23.82 8.33 1.62
CA MET A 418 23.17 7.04 1.85
C MET A 418 21.93 6.93 0.97
N VAL A 419 21.78 5.80 0.31
CA VAL A 419 20.65 5.58 -0.56
C VAL A 419 20.06 4.19 -0.26
N SER A 420 18.79 3.99 -0.62
CA SER A 420 18.13 2.70 -0.38
C SER A 420 18.59 1.61 -1.35
N GLU A 421 18.66 0.39 -0.85
CA GLU A 421 18.96 -0.76 -1.72
C GLU A 421 17.69 -1.37 -2.28
N ALA A 422 16.55 -0.78 -1.92
CA ALA A 422 15.25 -1.30 -2.31
C ALA A 422 15.23 -1.76 -3.75
N GLY A 423 15.13 -3.06 -3.97
CA GLY A 423 14.92 -3.64 -5.29
C GLY A 423 16.17 -3.79 -6.15
N ALA A 424 17.33 -3.44 -5.61
CA ALA A 424 18.56 -3.50 -6.39
C ALA A 424 18.89 -4.94 -6.81
N SER A 425 18.77 -5.86 -5.87
CA SER A 425 19.10 -7.26 -6.18
C SER A 425 18.08 -7.88 -7.13
N VAL A 426 16.79 -7.64 -6.90
CA VAL A 426 15.78 -8.12 -7.85
C VAL A 426 16.05 -7.54 -9.23
N TYR A 427 16.36 -6.25 -9.30
CA TYR A 427 16.72 -5.62 -10.57
C TYR A 427 17.86 -6.35 -11.27
N SER A 428 18.94 -6.61 -10.54
CA SER A 428 20.17 -7.11 -11.16
C SER A 428 19.95 -8.48 -11.79
N ALA A 429 18.99 -9.24 -11.25
CA ALA A 429 18.68 -10.57 -11.75
C ALA A 429 17.55 -10.56 -12.79
N SER A 430 17.07 -9.39 -13.16
CA SER A 430 15.94 -9.28 -14.08
C SER A 430 16.39 -9.30 -15.55
N GLU A 431 15.45 -9.60 -16.45
CA GLU A 431 15.73 -9.62 -17.88
C GLU A 431 16.13 -8.25 -18.40
N LEU A 432 15.49 -7.22 -17.85
CA LEU A 432 15.81 -5.87 -18.23
C LEU A 432 17.30 -5.62 -17.96
N ALA A 433 17.72 -5.93 -16.75
CA ALA A 433 19.11 -5.78 -16.36
C ALA A 433 20.04 -6.67 -17.20
N ALA A 434 19.55 -7.85 -17.56
CA ALA A 434 20.32 -8.76 -18.41
C ALA A 434 20.45 -8.20 -19.82
N LYS A 435 19.44 -7.46 -20.25
CA LYS A 435 19.52 -6.77 -21.53
C LYS A 435 20.44 -5.55 -21.41
N GLU A 436 20.21 -4.75 -20.37
CA GLU A 436 21.03 -3.57 -20.11
C GLU A 436 22.53 -3.87 -19.99
N PHE A 437 22.88 -4.98 -19.33
CA PHE A 437 24.31 -5.29 -19.10
C PHE A 437 24.63 -6.77 -19.28
N PRO A 438 24.60 -7.24 -20.55
CA PRO A 438 24.74 -8.65 -20.90
C PRO A 438 26.05 -9.24 -20.43
N GLU A 439 27.11 -8.44 -20.43
CA GLU A 439 28.44 -8.96 -20.12
C GLU A 439 28.86 -8.60 -18.70
N LEU A 440 27.93 -8.05 -17.94
CA LEU A 440 28.25 -7.62 -16.59
C LEU A 440 27.69 -8.59 -15.58
N ASP A 441 28.57 -9.15 -14.77
CA ASP A 441 28.18 -10.00 -13.66
C ASP A 441 26.99 -9.47 -12.84
N VAL A 442 26.19 -10.39 -12.30
CA VAL A 442 24.95 -10.04 -11.61
C VAL A 442 25.21 -9.20 -10.37
N SER A 443 26.26 -9.55 -9.65
CA SER A 443 26.61 -8.85 -8.41
C SER A 443 26.92 -7.38 -8.67
N LEU A 444 27.31 -7.06 -9.89
CA LEU A 444 27.77 -5.71 -10.21
C LEU A 444 26.64 -4.83 -10.70
N ARG A 445 25.55 -5.44 -11.13
CA ARG A 445 24.42 -4.66 -11.62
C ARG A 445 23.69 -3.89 -10.49
N GLY A 446 23.76 -4.42 -9.28
CA GLY A 446 23.18 -3.73 -8.14
C GLY A 446 23.86 -2.39 -7.92
N ALA A 447 25.19 -2.40 -7.93
CA ALA A 447 25.99 -1.20 -7.72
C ALA A 447 25.60 -0.13 -8.74
N VAL A 448 25.42 -0.58 -9.99
CA VAL A 448 24.99 0.31 -11.06
C VAL A 448 23.66 0.99 -10.73
N SER A 449 22.69 0.19 -10.32
CA SER A 449 21.38 0.69 -9.97
C SER A 449 21.45 1.65 -8.79
N ILE A 450 22.29 1.32 -7.81
CA ILE A 450 22.54 2.19 -6.66
C ILE A 450 23.12 3.56 -7.08
N ALA A 451 24.05 3.56 -8.02
CA ALA A 451 24.60 4.82 -8.55
C ALA A 451 23.52 5.62 -9.28
N ARG A 452 22.74 4.95 -10.13
CA ARG A 452 21.76 5.64 -10.95
C ARG A 452 20.57 6.18 -10.16
N ARG A 453 20.20 5.49 -9.09
CA ARG A 453 19.06 5.94 -8.30
C ARG A 453 19.39 7.24 -7.58
N LEU A 454 20.66 7.49 -7.29
CA LEU A 454 21.07 8.77 -6.72
C LEU A 454 20.85 9.89 -7.73
N GLN A 455 21.31 9.67 -8.96
CA GLN A 455 21.15 10.64 -10.03
C GLN A 455 19.68 10.96 -10.25
N ASP A 456 18.85 9.92 -10.26
CA ASP A 456 17.42 10.09 -10.50
C ASP A 456 16.64 8.85 -10.06
N PRO A 457 16.14 8.89 -8.82
CA PRO A 457 15.43 7.77 -8.18
C PRO A 457 14.22 7.33 -8.99
N LEU A 458 13.44 8.28 -9.49
CA LEU A 458 12.26 7.95 -10.26
C LEU A 458 12.59 7.11 -11.48
N ALA A 459 13.58 7.55 -12.26
CA ALA A 459 13.88 6.89 -13.53
C ALA A 459 14.43 5.47 -13.31
N GLU A 460 15.21 5.29 -12.26
CA GLU A 460 15.84 3.99 -11.98
C GLU A 460 14.87 3.00 -11.36
N LEU A 461 14.10 3.45 -10.38
CA LEU A 461 13.19 2.56 -9.66
C LEU A 461 12.01 2.04 -10.49
N VAL A 462 11.57 2.78 -11.52
CA VAL A 462 10.49 2.27 -12.36
C VAL A 462 10.91 1.08 -13.21
N LYS A 463 12.19 0.71 -13.14
CA LYS A 463 12.69 -0.43 -13.89
C LYS A 463 12.33 -1.71 -13.16
N ILE A 464 12.10 -1.55 -11.86
CA ILE A 464 11.90 -2.66 -10.97
C ILE A 464 10.41 -2.86 -10.70
N GLU A 465 9.98 -4.12 -10.75
CA GLU A 465 8.63 -4.54 -10.38
C GLU A 465 8.21 -3.98 -9.00
N PRO A 466 7.20 -3.10 -8.97
CA PRO A 466 6.98 -2.27 -7.77
C PRO A 466 6.84 -3.06 -6.45
N LYS A 467 6.17 -4.20 -6.47
CA LYS A 467 6.07 -4.99 -5.26
C LYS A 467 7.41 -5.60 -4.82
N SER A 468 8.40 -5.60 -5.72
CA SER A 468 9.74 -6.09 -5.39
C SER A 468 10.68 -4.99 -4.84
N ILE A 469 10.20 -3.75 -4.82
CA ILE A 469 10.97 -2.67 -4.21
C ILE A 469 10.76 -2.74 -2.70
N GLY A 470 11.66 -3.44 -2.03
CA GLY A 470 11.50 -3.76 -0.62
C GLY A 470 11.66 -2.58 0.31
N VAL A 471 10.55 -2.09 0.83
CA VAL A 471 10.56 -0.91 1.68
C VAL A 471 10.07 -1.16 3.10
N GLY A 472 10.18 -2.40 3.58
CA GLY A 472 9.79 -2.70 4.94
C GLY A 472 9.75 -4.17 5.29
N GLN A 473 9.57 -4.46 6.58
CA GLN A 473 9.55 -5.83 7.06
C GLN A 473 8.21 -6.50 6.78
N TYR A 474 8.25 -7.79 6.49
CA TYR A 474 7.04 -8.59 6.20
C TYR A 474 6.48 -8.34 4.81
N GLN A 475 7.18 -7.54 4.01
CA GLN A 475 6.70 -7.17 2.68
C GLN A 475 6.42 -8.39 1.80
N HIS A 476 7.25 -9.42 1.95
CA HIS A 476 7.10 -10.65 1.18
C HIS A 476 5.98 -11.52 1.75
N ASP A 477 5.61 -11.25 3.00
CA ASP A 477 4.65 -12.09 3.74
C ASP A 477 3.20 -11.63 3.61
N VAL A 478 2.98 -10.35 3.29
CA VAL A 478 1.63 -9.82 3.12
C VAL A 478 1.02 -10.30 1.81
N SER A 479 -0.29 -10.13 1.68
CA SER A 479 -0.97 -10.40 0.41
C SER A 479 -0.27 -9.67 -0.72
N GLN A 480 0.18 -10.42 -1.72
CA GLN A 480 0.92 -9.86 -2.83
C GLN A 480 0.01 -9.12 -3.78
N LEU A 481 -1.25 -9.57 -3.87
CA LEU A 481 -2.24 -8.87 -4.67
C LEU A 481 -2.53 -7.47 -4.08
N LYS A 482 -2.73 -7.41 -2.77
CA LYS A 482 -2.94 -6.14 -2.08
C LYS A 482 -1.72 -5.27 -2.24
N LEU A 483 -0.54 -5.90 -2.19
CA LEU A 483 0.72 -5.18 -2.28
C LEU A 483 0.91 -4.50 -3.63
N ALA A 484 0.71 -5.26 -4.70
CA ALA A 484 0.90 -4.76 -6.05
C ALA A 484 -0.13 -3.68 -6.33
N ARG A 485 -1.35 -3.94 -5.94
CA ARG A 485 -2.45 -2.99 -6.12
C ARG A 485 -2.11 -1.65 -5.48
N SER A 486 -1.42 -1.71 -4.36
CA SER A 486 -1.07 -0.48 -3.65
C SER A 486 0.16 0.17 -4.26
N LEU A 487 1.19 -0.64 -4.55
CA LEU A 487 2.47 -0.09 -4.99
C LEU A 487 2.47 0.36 -6.46
N ASP A 488 1.70 -0.34 -7.30
CA ASP A 488 1.47 0.11 -8.65
C ASP A 488 0.81 1.47 -8.65
N ALA A 489 -0.17 1.64 -7.77
CA ALA A 489 -0.91 2.89 -7.70
C ALA A 489 0.06 3.99 -7.34
N VAL A 490 0.93 3.75 -6.36
CA VAL A 490 1.94 4.73 -5.95
C VAL A 490 2.86 5.13 -7.11
N VAL A 491 3.36 4.13 -7.83
CA VAL A 491 4.21 4.36 -8.98
C VAL A 491 3.48 5.16 -10.05
N GLU A 492 2.24 4.77 -10.33
CA GLU A 492 1.46 5.49 -11.33
C GLU A 492 1.30 6.95 -10.93
N ASP A 493 1.00 7.20 -9.66
CA ASP A 493 0.75 8.56 -9.21
C ASP A 493 2.02 9.42 -9.22
N CYS A 494 3.16 8.83 -8.89
CA CYS A 494 4.40 9.60 -8.85
C CYS A 494 4.94 9.87 -10.25
N VAL A 495 4.85 8.89 -11.14
CA VAL A 495 5.29 9.08 -12.51
C VAL A 495 4.44 10.14 -13.20
N ASN A 496 3.14 10.10 -13.03
CA ASN A 496 2.31 11.07 -13.71
C ASN A 496 2.32 12.47 -13.10
N ALA A 497 2.57 12.57 -11.80
CA ALA A 497 2.73 13.87 -11.16
C ALA A 497 3.96 14.60 -11.72
N VAL A 498 5.03 13.85 -11.97
CA VAL A 498 6.24 14.44 -12.54
C VAL A 498 6.13 14.64 -14.05
N GLY A 499 5.45 13.72 -14.74
CA GLY A 499 5.39 13.73 -16.20
C GLY A 499 6.74 13.40 -16.81
N VAL A 500 6.76 13.04 -18.09
CA VAL A 500 8.02 12.70 -18.72
C VAL A 500 8.22 13.40 -20.05
N ASP A 501 9.48 13.58 -20.43
CA ASP A 501 9.83 14.04 -21.77
C ASP A 501 9.73 12.81 -22.65
N VAL A 502 8.71 12.80 -23.52
CA VAL A 502 8.40 11.63 -24.34
C VAL A 502 9.50 11.27 -25.33
N ASN A 503 10.45 12.17 -25.51
CA ASN A 503 11.54 11.94 -26.45
C ASN A 503 12.77 11.33 -25.80
N THR A 504 12.82 11.36 -24.47
CA THR A 504 13.98 10.82 -23.77
C THR A 504 13.64 9.69 -22.80
N ALA A 505 12.38 9.64 -22.36
CA ALA A 505 11.98 8.64 -21.36
C ALA A 505 12.13 7.22 -21.86
N SER A 506 12.62 6.36 -20.97
CA SER A 506 12.76 4.94 -21.25
C SER A 506 11.40 4.31 -21.41
N ALA A 507 11.37 3.08 -21.91
CA ALA A 507 10.14 2.32 -22.04
C ALA A 507 9.54 2.08 -20.66
N ALA A 508 10.40 1.73 -19.70
CA ALA A 508 9.94 1.41 -18.35
C ALA A 508 9.23 2.59 -17.71
N LEU A 509 9.70 3.80 -18.01
CA LEU A 509 9.09 5.01 -17.49
C LEU A 509 7.78 5.31 -18.22
N LEU A 510 7.80 5.16 -19.54
CA LEU A 510 6.63 5.40 -20.37
C LEU A 510 5.47 4.46 -20.01
N ALA A 511 5.79 3.23 -19.61
CA ALA A 511 4.76 2.25 -19.29
C ALA A 511 3.89 2.67 -18.11
N ARG A 512 4.42 3.51 -17.22
CA ARG A 512 3.70 3.96 -16.03
C ARG A 512 2.87 5.23 -16.27
N ILE A 513 3.06 5.87 -17.42
CA ILE A 513 2.23 7.00 -17.79
C ILE A 513 0.76 6.57 -17.96
N SER A 514 -0.13 7.37 -17.38
CA SER A 514 -1.56 7.25 -17.55
C SER A 514 -1.99 6.79 -18.95
N GLY A 515 -2.61 5.61 -19.02
CA GLY A 515 -3.19 5.10 -20.26
C GLY A 515 -2.21 4.35 -21.14
N LEU A 516 -0.95 4.28 -20.72
CA LEU A 516 0.03 3.53 -21.48
C LEU A 516 0.31 2.16 -20.85
N ASN A 517 1.15 1.38 -21.51
CA ASN A 517 1.60 0.08 -21.00
C ASN A 517 2.89 -0.31 -21.67
N SER A 518 3.36 -1.51 -21.35
CA SER A 518 4.60 -2.05 -21.92
C SER A 518 4.63 -1.98 -23.44
N THR A 519 3.52 -2.38 -24.06
CA THR A 519 3.44 -2.44 -25.52
C THR A 519 3.48 -1.06 -26.14
N LEU A 520 2.65 -0.15 -25.63
CA LEU A 520 2.62 1.21 -26.11
C LEU A 520 3.97 1.90 -25.87
N ALA A 521 4.55 1.69 -24.70
CA ALA A 521 5.85 2.27 -24.37
C ALA A 521 6.89 1.88 -25.42
N GLN A 522 6.92 0.60 -25.76
CA GLN A 522 7.85 0.11 -26.76
C GLN A 522 7.52 0.67 -28.14
N ASN A 523 6.23 0.72 -28.46
CA ASN A 523 5.79 1.32 -29.72
C ASN A 523 6.31 2.74 -29.84
N ILE A 524 6.08 3.54 -28.80
CA ILE A 524 6.57 4.90 -28.77
C ILE A 524 8.06 4.97 -29.01
N VAL A 525 8.83 4.22 -28.22
CA VAL A 525 10.28 4.23 -28.34
C VAL A 525 10.77 3.77 -29.72
N ALA A 526 10.13 2.72 -30.26
CA ALA A 526 10.46 2.23 -31.60
C ALA A 526 10.20 3.34 -32.61
N HIS A 527 9.11 4.06 -32.41
CA HIS A 527 8.68 5.09 -33.36
C HIS A 527 9.64 6.28 -33.42
N ARG A 528 10.15 6.68 -32.26
CA ARG A 528 11.06 7.82 -32.20
C ARG A 528 12.45 7.40 -32.65
N ASP A 529 12.71 6.10 -32.57
CA ASP A 529 13.95 5.54 -33.10
C ASP A 529 13.92 5.50 -34.62
N ALA A 530 12.74 5.25 -35.19
CA ALA A 530 12.59 5.11 -36.63
C ALA A 530 12.31 6.42 -37.34
N ASN A 531 11.73 7.37 -36.63
CA ASN A 531 11.23 8.60 -37.25
C ASN A 531 11.74 9.86 -36.58
N GLY A 532 12.75 9.71 -35.74
CA GLY A 532 13.26 10.83 -34.99
C GLY A 532 12.26 11.35 -33.96
N ALA A 533 12.68 12.37 -33.22
CA ALA A 533 11.91 12.91 -32.12
C ALA A 533 10.54 13.40 -32.55
N PHE A 534 9.56 13.25 -31.67
CA PHE A 534 8.24 13.79 -31.91
C PHE A 534 8.33 15.30 -31.83
N ARG A 535 7.82 16.00 -32.85
CA ARG A 535 7.87 17.46 -32.85
C ARG A 535 6.72 18.07 -32.06
N THR A 536 5.58 17.39 -32.07
CA THR A 536 4.43 17.84 -31.28
C THR A 536 3.75 16.65 -30.59
N ARG A 537 2.78 16.95 -29.74
CA ARG A 537 2.01 15.90 -29.09
C ARG A 537 1.14 15.13 -30.09
N ASP A 538 0.55 15.86 -31.03
CA ASP A 538 -0.33 15.26 -32.04
C ASP A 538 0.36 14.18 -32.86
N GLU A 539 1.67 14.25 -32.98
CA GLU A 539 2.41 13.23 -33.73
C GLU A 539 2.39 11.88 -33.04
N LEU A 540 2.05 11.87 -31.75
CA LEU A 540 1.87 10.63 -31.00
C LEU A 540 0.72 9.79 -31.54
N LYS A 541 -0.24 10.46 -32.18
CA LYS A 541 -1.42 9.79 -32.73
C LYS A 541 -1.03 8.84 -33.85
N LYS A 542 0.18 9.01 -34.36
CA LYS A 542 0.71 8.19 -35.44
C LYS A 542 1.47 6.96 -34.93
N VAL A 543 1.62 6.85 -33.61
CA VAL A 543 2.23 5.66 -33.03
C VAL A 543 1.23 4.50 -33.05
N SER A 544 1.71 3.34 -33.49
CA SER A 544 0.88 2.14 -33.58
C SER A 544 0.13 1.83 -32.28
N ARG A 545 -1.17 1.55 -32.41
CA ARG A 545 -2.04 1.24 -31.27
C ARG A 545 -2.31 2.43 -30.34
N LEU A 546 -1.80 3.61 -30.68
CA LEU A 546 -2.00 4.80 -29.86
C LEU A 546 -3.25 5.57 -30.33
N GLY A 547 -4.43 5.09 -29.92
CA GLY A 547 -5.70 5.65 -30.37
C GLY A 547 -6.14 6.91 -29.65
N GLU A 548 -7.34 7.37 -29.94
N GLU A 548 -7.34 7.40 -29.94
CA GLU A 548 -7.86 8.64 -29.42
CA GLU A 548 -7.81 8.66 -29.40
C GLU A 548 -8.06 8.59 -27.91
C GLU A 548 -8.09 8.61 -27.89
N LYS A 549 -8.55 7.46 -27.41
CA LYS A 549 -8.81 7.29 -25.98
C LYS A 549 -7.50 7.32 -25.20
N THR A 550 -6.52 6.60 -25.73
CA THR A 550 -5.18 6.55 -25.16
C THR A 550 -4.54 7.93 -25.17
N PHE A 551 -4.68 8.65 -26.30
CA PHE A 551 -4.10 9.98 -26.43
C PHE A 551 -4.66 10.88 -25.35
N GLU A 552 -5.97 10.81 -25.12
CA GLU A 552 -6.59 11.64 -24.11
C GLU A 552 -5.96 11.38 -22.74
N GLN A 553 -5.80 10.11 -22.40
CA GLN A 553 -5.31 9.73 -21.08
C GLN A 553 -3.86 10.11 -20.84
N ALA A 554 -3.04 10.06 -21.89
CA ALA A 554 -1.60 10.18 -21.75
C ALA A 554 -1.01 11.55 -22.11
N ALA A 555 -1.65 12.24 -23.06
CA ALA A 555 -1.08 13.45 -23.66
C ALA A 555 -0.61 14.48 -22.65
N GLY A 556 -1.45 14.79 -21.68
CA GLY A 556 -1.14 15.81 -20.71
C GLY A 556 0.09 15.48 -19.89
N PHE A 557 0.43 14.20 -19.85
CA PHE A 557 1.53 13.73 -19.03
C PHE A 557 2.80 13.52 -19.83
N LEU A 558 2.68 13.54 -21.17
CA LEU A 558 3.83 13.43 -22.03
C LEU A 558 4.29 14.80 -22.52
N ARG A 559 5.53 15.15 -22.23
N ARG A 559 5.53 15.13 -22.25
CA ARG A 559 6.04 16.44 -22.65
CA ARG A 559 6.05 16.42 -22.66
C ARG A 559 6.94 16.36 -23.88
C ARG A 559 6.94 16.34 -23.90
N VAL A 560 6.75 17.29 -24.80
CA VAL A 560 7.64 17.47 -25.94
C VAL A 560 8.38 18.78 -25.65
N MET A 561 9.67 18.68 -25.39
CA MET A 561 10.44 19.88 -25.11
C MET A 561 10.94 20.45 -26.43
N ASN A 562 10.92 21.78 -26.55
CA ASN A 562 11.44 22.46 -27.74
C ASN A 562 10.87 22.01 -29.10
N GLY A 563 9.54 21.91 -29.20
CA GLY A 563 8.92 21.52 -30.44
C GLY A 563 8.16 22.65 -31.08
N ASP A 564 7.31 22.31 -32.04
CA ASP A 564 6.55 23.28 -32.81
C ASP A 564 5.47 23.99 -31.97
N ASN A 565 5.07 23.37 -30.85
CA ASN A 565 4.04 23.95 -29.99
C ASN A 565 4.48 24.02 -28.54
N PRO A 566 4.68 25.25 -28.04
CA PRO A 566 5.19 25.52 -26.70
C PRO A 566 4.31 24.95 -25.61
N LEU A 567 3.05 24.72 -25.93
CA LEU A 567 2.12 24.15 -24.95
C LEU A 567 2.46 22.70 -24.63
N ASP A 568 3.00 21.96 -25.61
CA ASP A 568 3.39 20.56 -25.43
C ASP A 568 4.47 20.36 -24.35
N ALA A 569 5.03 21.44 -23.83
CA ALA A 569 6.07 21.36 -22.80
C ALA A 569 5.49 21.54 -21.41
N SER A 570 4.17 21.69 -21.33
CA SER A 570 3.47 21.89 -20.06
C SER A 570 2.46 20.78 -19.80
N ALA A 571 1.80 20.87 -18.65
CA ALA A 571 0.71 19.95 -18.29
C ALA A 571 -0.65 20.42 -18.80
N VAL A 572 -0.67 21.48 -19.58
CA VAL A 572 -1.91 21.89 -20.23
C VAL A 572 -2.31 20.80 -21.20
N HIS A 573 -3.55 20.32 -21.08
CA HIS A 573 -4.01 19.23 -21.92
C HIS A 573 -4.36 19.77 -23.30
N PRO A 574 -4.09 18.98 -24.35
CA PRO A 574 -4.44 19.37 -25.72
C PRO A 574 -5.91 19.70 -25.91
N GLU A 575 -6.79 19.06 -25.13
CA GLU A 575 -8.22 19.33 -25.22
C GLU A 575 -8.54 20.77 -24.83
N THR A 576 -7.60 21.43 -24.17
CA THR A 576 -7.80 22.80 -23.74
C THR A 576 -6.89 23.79 -24.48
N TYR A 577 -6.30 23.34 -25.59
CA TYR A 577 -5.50 24.25 -26.44
C TYR A 577 -6.34 25.39 -27.02
N PRO A 578 -7.54 25.09 -27.55
CA PRO A 578 -8.43 26.16 -28.03
C PRO A 578 -8.76 27.21 -26.97
N LEU A 579 -8.90 26.77 -25.72
CA LEU A 579 -9.22 27.69 -24.64
C LEU A 579 -8.07 28.66 -24.38
N VAL A 580 -6.85 28.15 -24.39
CA VAL A 580 -5.70 29.01 -24.16
C VAL A 580 -5.48 29.92 -25.36
N GLN A 581 -5.96 29.50 -26.52
CA GLN A 581 -5.92 30.32 -27.71
C GLN A 581 -6.96 31.42 -27.61
N ARG A 582 -7.98 31.21 -26.79
CA ARG A 582 -8.98 32.26 -26.55
C ARG A 582 -8.43 33.29 -25.58
N ILE A 583 -7.64 32.81 -24.62
CA ILE A 583 -6.96 33.65 -23.65
C ILE A 583 -5.96 34.55 -24.37
N ALA A 584 -5.29 34.00 -25.38
CA ALA A 584 -4.32 34.74 -26.18
C ALA A 584 -5.03 35.79 -27.04
N ALA A 585 -6.18 35.44 -27.60
CA ALA A 585 -6.95 36.38 -28.41
C ALA A 585 -7.46 37.54 -27.56
N ASP A 586 -8.08 37.23 -26.42
CA ASP A 586 -8.61 38.27 -25.54
C ASP A 586 -7.52 39.22 -25.07
N THR A 587 -6.35 38.68 -24.77
CA THR A 587 -5.26 39.49 -24.24
C THR A 587 -4.35 40.00 -25.37
N GLU A 588 -4.72 39.67 -26.60
CA GLU A 588 -3.97 40.11 -27.78
C GLU A 588 -2.47 39.88 -27.65
N ARG A 589 -2.12 38.74 -27.05
CA ARG A 589 -0.74 38.30 -26.99
C ARG A 589 -0.66 36.89 -27.49
N ASP A 590 0.42 36.58 -28.21
CA ASP A 590 0.62 35.20 -28.66
C ASP A 590 1.01 34.32 -27.49
N ILE A 591 0.71 33.03 -27.60
CA ILE A 591 0.90 32.09 -26.51
C ILE A 591 2.33 32.08 -25.97
N ARG A 592 3.30 32.23 -26.86
CA ARG A 592 4.72 32.21 -26.48
C ARG A 592 5.13 33.37 -25.57
N SER A 593 4.44 34.50 -25.71
CA SER A 593 4.76 35.66 -24.87
C SER A 593 4.15 35.52 -23.49
N LEU A 594 3.00 34.87 -23.41
CA LEU A 594 2.34 34.63 -22.13
C LEU A 594 3.24 33.82 -21.19
N ILE A 595 3.83 32.76 -21.74
CA ILE A 595 4.62 31.80 -20.96
C ILE A 595 5.73 32.47 -20.15
N GLY A 596 5.72 32.26 -18.84
CA GLY A 596 6.74 32.79 -17.96
C GLY A 596 6.46 34.19 -17.45
N ASP A 597 5.45 34.85 -18.03
CA ASP A 597 5.09 36.22 -17.62
C ASP A 597 4.28 36.20 -16.32
N SER A 598 4.98 35.96 -15.22
CA SER A 598 4.35 35.75 -13.92
C SER A 598 3.39 36.88 -13.53
N ALA A 599 3.83 38.12 -13.68
CA ALA A 599 3.04 39.26 -13.20
C ALA A 599 1.75 39.43 -13.97
N PHE A 600 1.82 39.31 -15.29
CA PHE A 600 0.67 39.44 -16.16
C PHE A 600 -0.34 38.32 -15.91
N LEU A 601 0.15 37.09 -15.87
CA LEU A 601 -0.71 35.94 -15.63
C LEU A 601 -1.39 36.05 -14.26
N LYS A 602 -0.63 36.50 -13.27
CA LYS A 602 -1.15 36.71 -11.93
C LYS A 602 -2.31 37.72 -11.93
N ARG A 603 -2.26 38.67 -12.86
CA ARG A 603 -3.30 39.70 -12.95
C ARG A 603 -4.57 39.16 -13.57
N LEU A 604 -4.44 38.15 -14.41
CA LEU A 604 -5.56 37.58 -15.14
C LEU A 604 -6.72 37.12 -14.24
N ASP A 605 -7.94 37.29 -14.72
CA ASP A 605 -9.13 36.77 -14.05
C ASP A 605 -9.56 35.49 -14.74
N PRO A 606 -9.41 34.35 -14.06
CA PRO A 606 -9.75 33.04 -14.64
C PRO A 606 -11.22 33.00 -15.03
N LYS A 607 -12.05 33.64 -14.23
CA LYS A 607 -13.50 33.62 -14.43
C LYS A 607 -13.90 34.15 -15.81
N LYS A 608 -13.04 34.97 -16.40
CA LYS A 608 -13.33 35.54 -17.70
C LYS A 608 -13.34 34.48 -18.80
N PHE A 609 -12.72 33.34 -18.52
CA PHE A 609 -12.44 32.34 -19.55
C PHE A 609 -13.11 30.97 -19.35
N THR A 610 -13.82 30.79 -18.25
CA THR A 610 -14.48 29.51 -18.02
C THR A 610 -15.63 29.31 -19.01
N ASP A 611 -15.94 28.06 -19.31
CA ASP A 611 -17.12 27.74 -20.12
C ASP A 611 -17.82 26.54 -19.49
N GLU A 612 -18.70 25.89 -20.26
CA GLU A 612 -19.50 24.80 -19.72
C GLU A 612 -18.66 23.56 -19.40
N THR A 613 -17.68 23.29 -20.25
CA THR A 613 -16.84 22.12 -20.07
C THR A 613 -15.69 22.40 -19.11
N PHE A 614 -15.00 23.50 -19.34
CA PHE A 614 -13.80 23.81 -18.56
C PHE A 614 -14.06 24.90 -17.57
N GLY A 615 -14.29 24.50 -16.32
CA GLY A 615 -14.61 25.41 -15.26
C GLY A 615 -13.38 26.02 -14.63
N LEU A 616 -13.56 26.59 -13.45
CA LEU A 616 -12.53 27.34 -12.77
C LEU A 616 -11.28 26.51 -12.43
N PRO A 617 -11.47 25.28 -11.94
CA PRO A 617 -10.29 24.48 -11.63
C PRO A 617 -9.36 24.35 -12.82
N THR A 618 -9.92 24.11 -13.99
CA THR A 618 -9.14 23.92 -15.20
C THR A 618 -8.38 25.19 -15.56
N VAL A 619 -9.09 26.31 -15.66
CA VAL A 619 -8.48 27.57 -16.05
C VAL A 619 -7.37 28.02 -15.10
N THR A 620 -7.63 27.95 -13.79
CA THR A 620 -6.61 28.36 -12.82
C THR A 620 -5.39 27.46 -12.97
N ASP A 621 -5.63 26.17 -13.18
CA ASP A 621 -4.55 25.23 -13.43
C ASP A 621 -3.74 25.64 -14.65
N ILE A 622 -4.44 26.01 -15.72
CA ILE A 622 -3.81 26.43 -16.96
C ILE A 622 -2.90 27.66 -16.75
N LEU A 623 -3.42 28.66 -16.04
CA LEU A 623 -2.64 29.86 -15.75
C LEU A 623 -1.40 29.55 -14.93
N LYS A 624 -1.49 28.58 -14.02
CA LYS A 624 -0.31 28.16 -13.27
C LYS A 624 0.71 27.52 -14.20
N GLU A 625 0.23 26.74 -15.17
CA GLU A 625 1.12 26.04 -16.08
C GLU A 625 1.77 26.99 -17.09
N LEU A 626 1.06 28.05 -17.47
CA LEU A 626 1.59 29.04 -18.39
C LEU A 626 2.78 29.76 -17.76
N ASP A 627 2.70 29.95 -16.45
CA ASP A 627 3.76 30.63 -15.71
C ASP A 627 4.97 29.71 -15.58
N LYS A 628 4.72 28.46 -15.18
CA LYS A 628 5.79 27.50 -14.98
C LYS A 628 5.42 26.15 -15.60
N PRO A 629 5.68 26.00 -16.90
CA PRO A 629 5.31 24.82 -17.70
C PRO A 629 5.95 23.55 -17.18
N GLY A 630 5.15 22.51 -16.97
CA GLY A 630 5.66 21.21 -16.56
C GLY A 630 6.54 21.23 -15.32
N ARG A 631 6.22 22.13 -14.39
CA ARG A 631 6.96 22.26 -13.15
C ARG A 631 7.14 20.92 -12.43
N ASP A 632 8.37 20.59 -12.07
CA ASP A 632 8.71 19.33 -11.41
C ASP A 632 8.34 19.40 -9.93
N PRO A 633 7.41 18.55 -9.49
CA PRO A 633 6.88 18.59 -8.13
C PRO A 633 7.91 18.22 -7.06
N ARG A 634 9.01 17.59 -7.46
CA ARG A 634 10.10 17.24 -6.55
C ARG A 634 10.96 18.44 -6.19
N PRO A 635 11.51 18.44 -4.96
CA PRO A 635 12.33 19.58 -4.54
C PRO A 635 13.70 19.56 -5.19
N GLU A 636 14.43 20.66 -5.05
CA GLU A 636 15.81 20.74 -5.51
C GLU A 636 16.71 19.89 -4.62
N PHE A 637 17.79 19.38 -5.21
CA PHE A 637 18.82 18.67 -4.48
C PHE A 637 19.79 19.69 -3.89
N LYS A 638 19.91 19.73 -2.56
CA LYS A 638 20.78 20.72 -1.89
C LYS A 638 21.57 20.07 -0.75
N THR A 639 21.74 18.76 -0.84
CA THR A 639 22.39 17.90 0.15
C THR A 639 23.81 18.32 0.56
N ALA A 640 24.64 18.64 -0.42
CA ALA A 640 25.98 19.13 -0.17
C ALA A 640 25.94 20.44 0.64
N GLU A 641 25.04 21.34 0.24
CA GLU A 641 24.85 22.62 0.91
C GLU A 641 24.49 22.47 2.39
N PHE A 642 23.73 21.41 2.71
CA PHE A 642 23.30 21.17 4.07
C PHE A 642 24.31 20.37 4.87
N GLN A 643 25.14 19.60 4.17
CA GLN A 643 26.23 18.86 4.80
C GLN A 643 27.31 19.84 5.24
N GLU A 644 27.49 20.91 4.46
CA GLU A 644 28.48 21.92 4.75
C GLU A 644 27.96 22.97 5.74
N GLY A 645 26.63 23.04 5.88
CA GLY A 645 26.01 23.98 6.79
C GLY A 645 25.96 25.41 6.26
N VAL A 646 25.89 25.55 4.94
CA VAL A 646 25.96 26.88 4.30
C VAL A 646 24.61 27.37 3.76
N GLU A 647 23.53 26.78 4.25
CA GLU A 647 22.19 27.21 3.86
C GLU A 647 21.62 28.16 4.90
N SER A 648 20.88 29.18 4.46
CA SER A 648 20.20 30.07 5.39
C SER A 648 18.69 29.98 5.18
N LEU A 649 17.92 30.55 6.12
CA LEU A 649 16.47 30.47 6.10
C LEU A 649 15.91 31.02 4.78
N LYS A 650 16.53 32.09 4.32
CA LYS A 650 16.23 32.75 3.06
C LYS A 650 16.13 31.76 1.89
N ASP A 651 16.97 30.72 1.94
CA ASP A 651 17.14 29.80 0.82
C ASP A 651 16.17 28.62 0.82
N LEU A 652 15.32 28.54 1.85
CA LEU A 652 14.39 27.43 1.97
C LEU A 652 13.16 27.57 1.07
N LYS A 653 12.70 26.43 0.55
CA LYS A 653 11.45 26.38 -0.21
C LYS A 653 10.52 25.34 0.39
N PRO A 654 9.22 25.67 0.44
CA PRO A 654 8.22 24.65 0.77
C PRO A 654 8.44 23.41 -0.11
N GLY A 655 8.32 22.22 0.47
CA GLY A 655 8.54 21.00 -0.27
C GLY A 655 9.87 20.32 -0.01
N MET A 656 10.87 21.09 0.41
CA MET A 656 12.18 20.51 0.71
C MET A 656 12.06 19.50 1.83
N VAL A 657 12.67 18.32 1.61
CA VAL A 657 12.78 17.31 2.63
C VAL A 657 14.21 17.38 3.16
N LEU A 658 14.34 17.46 4.48
CA LEU A 658 15.65 17.73 5.09
C LEU A 658 15.86 16.93 6.35
N GLU A 659 17.12 16.71 6.70
CA GLU A 659 17.49 16.09 7.96
C GLU A 659 17.50 17.15 9.05
N GLY A 660 16.90 16.84 10.19
CA GLY A 660 16.90 17.76 11.31
C GLY A 660 17.32 17.10 12.61
N VAL A 661 17.74 17.91 13.57
CA VAL A 661 18.03 17.43 14.91
C VAL A 661 17.04 18.04 15.90
N VAL A 662 16.40 17.18 16.69
CA VAL A 662 15.50 17.65 17.73
C VAL A 662 16.32 18.35 18.81
N THR A 663 15.98 19.61 19.10
CA THR A 663 16.70 20.32 20.15
C THR A 663 15.91 20.35 21.46
N ASN A 664 14.58 20.33 21.37
CA ASN A 664 13.71 20.23 22.54
C ASN A 664 12.44 19.48 22.20
N VAL A 665 11.87 18.83 23.21
CA VAL A 665 10.58 18.21 23.10
C VAL A 665 9.67 18.84 24.14
N THR A 666 8.45 19.19 23.73
CA THR A 666 7.45 19.72 24.63
C THR A 666 6.19 18.87 24.53
N ASN A 667 5.18 19.21 25.33
CA ASN A 667 3.94 18.45 25.33
C ASN A 667 3.03 18.85 24.16
N PHE A 668 3.48 19.81 23.36
CA PHE A 668 2.72 20.27 22.20
C PHE A 668 3.46 20.07 20.88
N GLY A 669 4.66 19.49 20.93
CA GLY A 669 5.45 19.30 19.73
C GLY A 669 6.92 19.16 20.02
N ALA A 670 7.75 19.34 19.01
CA ALA A 670 9.20 19.27 19.18
C ALA A 670 9.84 20.35 18.32
N PHE A 671 10.89 20.96 18.85
CA PHE A 671 11.64 21.98 18.09
C PHE A 671 12.86 21.35 17.41
N VAL A 672 13.00 21.63 16.11
CA VAL A 672 13.97 20.93 15.27
C VAL A 672 14.95 21.90 14.62
N ASP A 673 16.24 21.54 14.64
CA ASP A 673 17.28 22.36 14.02
C ASP A 673 17.67 21.77 12.66
N ILE A 674 17.33 22.48 11.58
CA ILE A 674 17.69 22.04 10.24
C ILE A 674 18.92 22.74 9.69
N GLY A 675 19.60 23.50 10.53
CA GLY A 675 20.87 24.12 10.14
C GLY A 675 20.81 25.55 9.64
N VAL A 676 19.68 26.23 9.83
CA VAL A 676 19.57 27.63 9.38
C VAL A 676 19.55 28.63 10.55
N HIS A 677 20.03 28.19 11.71
CA HIS A 677 20.15 29.05 12.89
C HIS A 677 18.80 29.48 13.45
N GLN A 678 17.75 28.79 13.02
CA GLN A 678 16.42 29.00 13.56
C GLN A 678 15.69 27.65 13.58
N ASP A 679 15.37 27.19 14.79
CA ASP A 679 14.56 25.99 14.98
C ASP A 679 13.19 26.10 14.32
N GLY A 680 12.69 24.98 13.82
CA GLY A 680 11.29 24.92 13.42
C GLY A 680 10.52 24.17 14.48
N LEU A 681 9.22 24.42 14.57
CA LEU A 681 8.36 23.67 15.47
C LEU A 681 7.58 22.63 14.71
N VAL A 682 7.76 21.36 15.06
CA VAL A 682 6.89 20.31 14.56
C VAL A 682 5.78 20.09 15.58
N HIS A 683 4.58 20.51 15.22
CA HIS A 683 3.44 20.38 16.12
C HIS A 683 3.18 18.92 16.42
N ILE A 684 2.59 18.67 17.59
CA ILE A 684 2.37 17.32 18.07
C ILE A 684 1.90 16.32 17.01
N SER A 685 0.81 16.66 16.30
CA SER A 685 0.21 15.73 15.34
C SER A 685 1.00 15.62 14.04
N ALA A 686 1.92 16.56 13.82
CA ALA A 686 2.80 16.51 12.66
C ALA A 686 4.05 15.68 12.93
N LEU A 687 4.13 15.08 14.12
CA LEU A 687 5.30 14.28 14.48
C LEU A 687 5.22 12.88 13.87
N SER A 688 4.03 12.46 13.45
CA SER A 688 3.87 11.11 12.92
C SER A 688 2.68 10.98 11.98
N GLU A 689 2.72 9.99 11.10
CA GLU A 689 1.58 9.65 10.26
C GLU A 689 0.46 9.01 11.08
N LYS A 690 0.81 8.45 12.24
CA LYS A 690 -0.21 7.90 13.13
C LYS A 690 -0.61 8.91 14.19
N PHE A 691 -1.72 8.63 14.88
CA PHE A 691 -2.20 9.47 15.98
C PHE A 691 -1.09 9.62 17.02
N VAL A 692 -0.89 10.85 17.49
CA VAL A 692 0.09 11.10 18.55
C VAL A 692 -0.54 11.69 19.81
N LYS A 693 -0.37 11.00 20.94
CA LYS A 693 -0.89 11.51 22.20
C LYS A 693 0.19 12.16 23.05
N ASP A 694 1.45 11.86 22.75
CA ASP A 694 2.54 12.31 23.59
C ASP A 694 3.84 12.43 22.80
N PRO A 695 4.28 13.68 22.54
CA PRO A 695 5.53 13.99 21.81
C PRO A 695 6.74 13.27 22.39
N TYR A 696 6.76 13.09 23.70
CA TYR A 696 7.88 12.44 24.37
C TYR A 696 7.98 10.96 24.02
N GLU A 697 6.85 10.37 23.61
CA GLU A 697 6.81 8.99 23.18
C GLU A 697 7.42 8.84 21.78
N VAL A 698 7.38 9.91 21.00
CA VAL A 698 7.78 9.85 19.59
C VAL A 698 9.23 10.27 19.37
N VAL A 699 9.64 11.37 20.00
CA VAL A 699 11.00 11.86 19.83
C VAL A 699 11.65 12.25 21.15
N LYS A 700 12.97 12.40 21.11
CA LYS A 700 13.72 12.94 22.23
C LYS A 700 14.82 13.85 21.70
N ALA A 701 15.31 14.74 22.54
CA ALA A 701 16.35 15.67 22.13
C ALA A 701 17.57 14.92 21.63
N GLY A 702 18.09 15.31 20.48
CA GLY A 702 19.25 14.66 19.89
C GLY A 702 18.89 13.80 18.70
N ASP A 703 17.65 13.33 18.66
CA ASP A 703 17.15 12.52 17.56
C ASP A 703 17.34 13.22 16.23
N ILE A 704 17.83 12.49 15.25
CA ILE A 704 17.88 12.97 13.89
C ILE A 704 16.55 12.61 13.24
N VAL A 705 15.93 13.56 12.57
CA VAL A 705 14.64 13.31 11.95
C VAL A 705 14.58 13.79 10.52
N LYS A 706 13.57 13.29 9.80
CA LYS A 706 13.29 13.76 8.47
C LYS A 706 12.11 14.70 8.54
N VAL A 707 12.32 15.93 8.13
CA VAL A 707 11.26 16.92 8.16
C VAL A 707 11.01 17.48 6.78
N LYS A 708 9.76 17.82 6.49
CA LYS A 708 9.43 18.54 5.28
C LYS A 708 9.10 19.99 5.62
N VAL A 709 9.66 20.91 4.83
CA VAL A 709 9.42 22.34 4.98
C VAL A 709 8.01 22.66 4.52
N MET A 710 7.18 23.08 5.46
CA MET A 710 5.79 23.38 5.19
C MET A 710 5.63 24.83 4.78
N GLU A 711 6.27 25.72 5.53
CA GLU A 711 6.20 27.15 5.23
C GLU A 711 7.51 27.84 5.53
N VAL A 712 7.76 28.92 4.80
CA VAL A 712 8.91 29.77 5.01
C VAL A 712 8.45 31.23 5.04
N ASP A 713 8.68 31.88 6.18
CA ASP A 713 8.29 33.28 6.36
C ASP A 713 9.57 34.05 6.61
N ILE A 714 10.08 34.71 5.59
CA ILE A 714 11.38 35.35 5.67
C ILE A 714 11.37 36.63 6.51
N PRO A 715 10.32 37.45 6.38
CA PRO A 715 10.20 38.64 7.22
C PRO A 715 10.19 38.31 8.72
N ARG A 716 9.47 37.27 9.12
CA ARG A 716 9.41 36.86 10.51
C ARG A 716 10.56 35.92 10.89
N ASN A 717 11.35 35.52 9.89
CA ASN A 717 12.43 34.56 10.10
C ASN A 717 11.94 33.25 10.72
N ARG A 718 10.88 32.69 10.16
CA ARG A 718 10.30 31.44 10.68
C ARG A 718 10.23 30.38 9.60
N VAL A 719 10.30 29.12 10.03
CA VAL A 719 10.16 27.97 9.13
C VAL A 719 9.20 26.94 9.71
N GLY A 720 8.21 26.54 8.92
CA GLY A 720 7.27 25.51 9.32
C GLY A 720 7.74 24.12 8.91
N LEU A 721 7.56 23.14 9.79
CA LEU A 721 8.13 21.82 9.57
C LEU A 721 7.14 20.72 9.90
N SER A 722 7.17 19.64 9.13
CA SER A 722 6.37 18.46 9.41
C SER A 722 7.20 17.19 9.27
N MET A 723 6.89 16.18 10.09
CA MET A 723 7.55 14.88 9.96
C MET A 723 6.68 13.90 9.18
N ARG A 724 5.51 14.37 8.75
CA ARG A 724 4.64 13.59 7.89
C ARG A 724 4.93 13.98 6.44
N MET A 725 5.58 13.08 5.71
CA MET A 725 5.88 13.33 4.30
C MET A 725 4.60 13.39 3.46
N SER A 726 3.48 13.02 4.07
CA SER A 726 2.20 13.02 3.39
C SER A 726 1.57 14.39 3.44
N ASP A 727 2.11 15.26 4.30
CA ASP A 727 1.62 16.62 4.41
C ASP A 727 1.99 17.40 3.17
N THR A 728 1.06 18.22 2.70
CA THR A 728 1.35 19.08 1.56
C THR A 728 1.55 20.51 2.04
N PRO A 729 2.73 21.09 1.73
CA PRO A 729 3.02 22.48 2.11
C PRO A 729 1.96 23.41 1.54
N GLY A 730 1.46 23.03 0.37
CA GLY A 730 0.55 23.85 -0.42
C GLY A 730 1.02 23.84 -1.86
#